data_1KP7
# 
_entry.id   1KP7 
# 
_audit_conform.dict_name       mmcif_pdbx.dic 
_audit_conform.dict_version    5.392 
_audit_conform.dict_location   http://mmcif.pdb.org/dictionaries/ascii/mmcif_pdbx.dic 
# 
loop_
_database_2.database_id 
_database_2.database_code 
_database_2.pdbx_database_accession 
_database_2.pdbx_DOI 
PDB   1KP7         pdb_00001kp7 10.2210/pdb1kp7/pdb 
RCSB  RCSB015193   ?            ?                   
WWPDB D_1000015193 ?            ?                   
# 
loop_
_pdbx_audit_revision_history.ordinal 
_pdbx_audit_revision_history.data_content_type 
_pdbx_audit_revision_history.major_revision 
_pdbx_audit_revision_history.minor_revision 
_pdbx_audit_revision_history.revision_date 
1 'Structure model' 1 0 2002-04-10 
2 'Structure model' 1 1 2008-04-27 
3 'Structure model' 1 2 2011-07-13 
4 'Structure model' 1 3 2022-02-23 
5 'Structure model' 1 4 2024-05-22 
# 
_pdbx_audit_revision_details.ordinal             1 
_pdbx_audit_revision_details.revision_ordinal    1 
_pdbx_audit_revision_details.data_content_type   'Structure model' 
_pdbx_audit_revision_details.provider            repository 
_pdbx_audit_revision_details.type                'Initial release' 
_pdbx_audit_revision_details.description         ? 
_pdbx_audit_revision_details.details             ? 
# 
loop_
_pdbx_audit_revision_group.ordinal 
_pdbx_audit_revision_group.revision_ordinal 
_pdbx_audit_revision_group.data_content_type 
_pdbx_audit_revision_group.group 
1 2 'Structure model' 'Version format compliance' 
2 3 'Structure model' 'Version format compliance' 
3 4 'Structure model' 'Data collection'           
4 4 'Structure model' 'Database references'       
5 4 'Structure model' 'Derived calculations'      
6 5 'Structure model' 'Data collection'           
# 
loop_
_pdbx_audit_revision_category.ordinal 
_pdbx_audit_revision_category.revision_ordinal 
_pdbx_audit_revision_category.data_content_type 
_pdbx_audit_revision_category.category 
1 4 'Structure model' database_2            
2 4 'Structure model' pdbx_nmr_spectrometer 
3 4 'Structure model' pdbx_struct_assembly  
4 4 'Structure model' pdbx_struct_oper_list 
5 5 'Structure model' chem_comp_atom        
6 5 'Structure model' chem_comp_bond        
# 
loop_
_pdbx_audit_revision_item.ordinal 
_pdbx_audit_revision_item.revision_ordinal 
_pdbx_audit_revision_item.data_content_type 
_pdbx_audit_revision_item.item 
1 4 'Structure model' '_database_2.pdbx_DOI'                
2 4 'Structure model' '_database_2.pdbx_database_accession' 
3 4 'Structure model' '_pdbx_nmr_spectrometer.model'        
# 
_pdbx_database_status.status_code                     REL 
_pdbx_database_status.entry_id                        1KP7 
_pdbx_database_status.recvd_initial_deposition_date   2001-12-29 
_pdbx_database_status.deposit_site                    RCSB 
_pdbx_database_status.process_site                    RCSB 
_pdbx_database_status.SG_entry                        . 
_pdbx_database_status.pdb_format_compatible           Y 
_pdbx_database_status.status_code_mr                  ? 
_pdbx_database_status.status_code_sf                  ? 
_pdbx_database_status.status_code_cs                  ? 
_pdbx_database_status.status_code_nmr_data            ? 
_pdbx_database_status.methods_development_category    ? 
# 
loop_
_audit_author.name 
_audit_author.pdbx_ordinal 
'Gallego, J.'    1 
'Klinck, R.'     2 
'Collier, A.J.'  3 
'Cole, P.T.'     4 
'Harris, S.J.'   5 
'Harrison, G.P.' 6 
'Aboul-ela, F.'  7 
'Walker, S.'     8 
'Varani, G.'     9 
# 
_citation.id                        primary 
_citation.title                     'A conserved RNA structure within the HCV IRES eIF3-binding site.' 
_citation.journal_abbrev            Nat.Struct.Biol. 
_citation.journal_volume            9 
_citation.page_first                375 
_citation.page_last                 380 
_citation.year                      2002 
_citation.journal_id_ASTM           NSBIEW 
_citation.country                   US 
_citation.journal_id_ISSN           1072-8368 
_citation.journal_id_CSD            2024 
_citation.book_publisher            ? 
_citation.pdbx_database_id_PubMed   11927954 
_citation.pdbx_database_id_DOI      ? 
# 
loop_
_citation_author.citation_id 
_citation_author.name 
_citation_author.ordinal 
_citation_author.identifier_ORCID 
primary 'Collier, A.J.'  1 ? 
primary 'Gallego, J.'    2 ? 
primary 'Klinck, R.'     3 ? 
primary 'Cole, P.T.'     4 ? 
primary 'Harris, S.J.'   5 ? 
primary 'Harrison, G.P.' 6 ? 
primary 'Aboul-Ela, F.'  7 ? 
primary 'Varani, G.'     8 ? 
primary 'Walker, S.'     9 ? 
# 
_entity.id                         1 
_entity.type                       polymer 
_entity.src_method                 syn 
_entity.pdbx_description           'Hepatitis C Virus Internal Ribosome Entry Site Fragment' 
_entity.formula_weight             9595.754 
_entity.pdbx_number_of_molecules   1 
_entity.pdbx_ec                    ? 
_entity.pdbx_mutation              ? 
_entity.pdbx_fragment              ? 
_entity.details                    'sub-domain IIIb fragment' 
# 
_entity_poly.entity_id                      1 
_entity_poly.type                           polyribonucleotide 
_entity_poly.nstd_linkage                   no 
_entity_poly.nstd_monomer                   no 
_entity_poly.pdbx_seq_one_letter_code       GGCGCUCAAUGCUCUUCGGAGACGACCGCC 
_entity_poly.pdbx_seq_one_letter_code_can   GGCGCUCAAUGCUCUUCGGAGACGACCGCC 
_entity_poly.pdbx_strand_id                 A 
_entity_poly.pdbx_target_identifier         ? 
# 
loop_
_entity_poly_seq.entity_id 
_entity_poly_seq.num 
_entity_poly_seq.mon_id 
_entity_poly_seq.hetero 
1 1  G n 
1 2  G n 
1 3  C n 
1 4  G n 
1 5  C n 
1 6  U n 
1 7  C n 
1 8  A n 
1 9  A n 
1 10 U n 
1 11 G n 
1 12 C n 
1 13 U n 
1 14 C n 
1 15 U n 
1 16 U n 
1 17 C n 
1 18 G n 
1 19 G n 
1 20 A n 
1 21 G n 
1 22 A n 
1 23 C n 
1 24 G n 
1 25 A n 
1 26 C n 
1 27 C n 
1 28 G n 
1 29 C n 
1 30 C n 
# 
_pdbx_entity_src_syn.entity_id              1 
_pdbx_entity_src_syn.pdbx_src_id            1 
_pdbx_entity_src_syn.pdbx_alt_source_flag   sample 
_pdbx_entity_src_syn.pdbx_beg_seq_num       ? 
_pdbx_entity_src_syn.pdbx_end_seq_num       ? 
_pdbx_entity_src_syn.organism_scientific    ? 
_pdbx_entity_src_syn.organism_common_name   ? 
_pdbx_entity_src_syn.ncbi_taxonomy_id       ? 
_pdbx_entity_src_syn.details                'T7 polymerase RNA synthesis' 
# 
loop_
_chem_comp.id 
_chem_comp.type 
_chem_comp.mon_nstd_flag 
_chem_comp.name 
_chem_comp.pdbx_synonyms 
_chem_comp.formula 
_chem_comp.formula_weight 
A 'RNA linking' y "ADENOSINE-5'-MONOPHOSPHATE" ? 'C10 H14 N5 O7 P' 347.221 
C 'RNA linking' y "CYTIDINE-5'-MONOPHOSPHATE"  ? 'C9 H14 N3 O8 P'  323.197 
G 'RNA linking' y "GUANOSINE-5'-MONOPHOSPHATE" ? 'C10 H14 N5 O8 P' 363.221 
U 'RNA linking' y "URIDINE-5'-MONOPHOSPHATE"   ? 'C9 H13 N2 O9 P'  324.181 
# 
loop_
_pdbx_poly_seq_scheme.asym_id 
_pdbx_poly_seq_scheme.entity_id 
_pdbx_poly_seq_scheme.seq_id 
_pdbx_poly_seq_scheme.mon_id 
_pdbx_poly_seq_scheme.ndb_seq_num 
_pdbx_poly_seq_scheme.pdb_seq_num 
_pdbx_poly_seq_scheme.auth_seq_num 
_pdbx_poly_seq_scheme.pdb_mon_id 
_pdbx_poly_seq_scheme.auth_mon_id 
_pdbx_poly_seq_scheme.pdb_strand_id 
_pdbx_poly_seq_scheme.pdb_ins_code 
_pdbx_poly_seq_scheme.hetero 
A 1 1  G 1  1  1  G G A . n 
A 1 2  G 2  2  2  G G A . n 
A 1 3  C 3  3  3  C C A . n 
A 1 4  G 4  4  4  G G A . n 
A 1 5  C 5  5  5  C C A . n 
A 1 6  U 6  6  6  U U A . n 
A 1 7  C 7  7  7  C C A . n 
A 1 8  A 8  8  8  A A A . n 
A 1 9  A 9  9  9  A A A . n 
A 1 10 U 10 10 10 U U A . n 
A 1 11 G 11 11 11 G G A . n 
A 1 12 C 12 12 12 C C A . n 
A 1 13 U 13 13 13 U U A . n 
A 1 14 C 14 14 14 C C A . n 
A 1 15 U 15 15 15 U U A . n 
A 1 16 U 16 16 16 U U A . n 
A 1 17 C 17 17 17 C C A . n 
A 1 18 G 18 18 18 G G A . n 
A 1 19 G 19 19 19 G G A . n 
A 1 20 A 20 20 20 A A A . n 
A 1 21 G 21 21 21 G G A . n 
A 1 22 A 22 22 22 A A A . n 
A 1 23 C 23 23 23 C C A . n 
A 1 24 G 24 24 24 G G A . n 
A 1 25 A 25 25 25 A A A . n 
A 1 26 C 26 26 26 C C A . n 
A 1 27 C 27 27 27 C C A . n 
A 1 28 G 28 28 28 G G A . n 
A 1 29 C 29 29 29 C C A . n 
A 1 30 C 30 30 30 C C A . n 
# 
_exptl.entry_id          1KP7 
_exptl.method            'SOLUTION NMR' 
_exptl.crystals_number   ? 
# 
_exptl_crystal.id                    1 
_exptl_crystal.density_meas          ? 
_exptl_crystal.density_Matthews      ? 
_exptl_crystal.density_percent_sol   ? 
_exptl_crystal.description           ? 
# 
_diffrn.id                     1 
_diffrn.crystal_id             1 
_diffrn.ambient_temp           ? 
_diffrn.ambient_temp_details   ? 
# 
_diffrn_radiation.diffrn_id                        1 
_diffrn_radiation.wavelength_id                    1 
_diffrn_radiation.pdbx_monochromatic_or_laue_m_l   M 
_diffrn_radiation.monochromator                    ? 
_diffrn_radiation.pdbx_diffrn_protocol             'SINGLE WAVELENGTH' 
_diffrn_radiation.pdbx_scattering_type             ? 
# 
_diffrn_radiation_wavelength.id           1 
_diffrn_radiation_wavelength.wavelength   . 
_diffrn_radiation_wavelength.wt           1.0 
# 
_struct.entry_id                  1KP7 
_struct.title                     'Conserved RNA Structure within the HCV IRES eIF3 Binding Site' 
_struct.pdbx_model_details        ? 
_struct.pdbx_CASP_flag            ? 
_struct.pdbx_model_type_details   ? 
# 
_struct_keywords.entry_id        1KP7 
_struct_keywords.pdbx_keywords   RNA 
_struct_keywords.text            'cytosine mismatch, EIF3, HCV, internal loop, IRES, S-turn, RNA' 
# 
_struct_asym.id                            A 
_struct_asym.pdbx_blank_PDB_chainid_flag   N 
_struct_asym.pdbx_modified                 N 
_struct_asym.entity_id                     1 
_struct_asym.details                       ? 
# 
_struct_ref.id                         1 
_struct_ref.entity_id                  1 
_struct_ref.db_name                    PDB 
_struct_ref.db_code                    1KP7 
_struct_ref.pdbx_db_accession          1KP7 
_struct_ref.pdbx_db_isoform            ? 
_struct_ref.pdbx_seq_one_letter_code   ? 
_struct_ref.pdbx_align_begin           ? 
# 
_struct_ref_seq.align_id                      1 
_struct_ref_seq.ref_id                        1 
_struct_ref_seq.pdbx_PDB_id_code              1KP7 
_struct_ref_seq.pdbx_strand_id                A 
_struct_ref_seq.seq_align_beg                 1 
_struct_ref_seq.pdbx_seq_align_beg_ins_code   ? 
_struct_ref_seq.seq_align_end                 30 
_struct_ref_seq.pdbx_seq_align_end_ins_code   ? 
_struct_ref_seq.pdbx_db_accession             1KP7 
_struct_ref_seq.db_align_beg                  1 
_struct_ref_seq.pdbx_db_align_beg_ins_code    ? 
_struct_ref_seq.db_align_end                  30 
_struct_ref_seq.pdbx_db_align_end_ins_code    ? 
_struct_ref_seq.pdbx_auth_seq_align_beg       1 
_struct_ref_seq.pdbx_auth_seq_align_end       30 
# 
_pdbx_struct_assembly.id                   1 
_pdbx_struct_assembly.details              author_defined_assembly 
_pdbx_struct_assembly.method_details       ? 
_pdbx_struct_assembly.oligomeric_details   monomeric 
_pdbx_struct_assembly.oligomeric_count     1 
# 
_pdbx_struct_assembly_gen.assembly_id       1 
_pdbx_struct_assembly_gen.oper_expression   1 
_pdbx_struct_assembly_gen.asym_id_list      A 
# 
_pdbx_struct_oper_list.id                   1 
_pdbx_struct_oper_list.type                 'identity operation' 
_pdbx_struct_oper_list.name                 1_555 
_pdbx_struct_oper_list.symmetry_operation   x,y,z 
_pdbx_struct_oper_list.matrix[1][1]         1.0000000000 
_pdbx_struct_oper_list.matrix[1][2]         0.0000000000 
_pdbx_struct_oper_list.matrix[1][3]         0.0000000000 
_pdbx_struct_oper_list.vector[1]            0.0000000000 
_pdbx_struct_oper_list.matrix[2][1]         0.0000000000 
_pdbx_struct_oper_list.matrix[2][2]         1.0000000000 
_pdbx_struct_oper_list.matrix[2][3]         0.0000000000 
_pdbx_struct_oper_list.vector[2]            0.0000000000 
_pdbx_struct_oper_list.matrix[3][1]         0.0000000000 
_pdbx_struct_oper_list.matrix[3][2]         0.0000000000 
_pdbx_struct_oper_list.matrix[3][3]         1.0000000000 
_pdbx_struct_oper_list.vector[3]            0.0000000000 
# 
_struct_biol.id   1 
# 
loop_
_struct_conn.id 
_struct_conn.conn_type_id 
_struct_conn.pdbx_leaving_atom_flag 
_struct_conn.pdbx_PDB_id 
_struct_conn.ptnr1_label_asym_id 
_struct_conn.ptnr1_label_comp_id 
_struct_conn.ptnr1_label_seq_id 
_struct_conn.ptnr1_label_atom_id 
_struct_conn.pdbx_ptnr1_label_alt_id 
_struct_conn.pdbx_ptnr1_PDB_ins_code 
_struct_conn.pdbx_ptnr1_standard_comp_id 
_struct_conn.ptnr1_symmetry 
_struct_conn.ptnr2_label_asym_id 
_struct_conn.ptnr2_label_comp_id 
_struct_conn.ptnr2_label_seq_id 
_struct_conn.ptnr2_label_atom_id 
_struct_conn.pdbx_ptnr2_label_alt_id 
_struct_conn.pdbx_ptnr2_PDB_ins_code 
_struct_conn.ptnr1_auth_asym_id 
_struct_conn.ptnr1_auth_comp_id 
_struct_conn.ptnr1_auth_seq_id 
_struct_conn.ptnr2_auth_asym_id 
_struct_conn.ptnr2_auth_comp_id 
_struct_conn.ptnr2_auth_seq_id 
_struct_conn.ptnr2_symmetry 
_struct_conn.pdbx_ptnr3_label_atom_id 
_struct_conn.pdbx_ptnr3_label_seq_id 
_struct_conn.pdbx_ptnr3_label_comp_id 
_struct_conn.pdbx_ptnr3_label_asym_id 
_struct_conn.pdbx_ptnr3_label_alt_id 
_struct_conn.pdbx_ptnr3_PDB_ins_code 
_struct_conn.details 
_struct_conn.pdbx_dist_value 
_struct_conn.pdbx_value_order 
_struct_conn.pdbx_role 
hydrog1  hydrog ? ? A G 1  N1 ? ? ? 1_555 A C 30 N3 ? ? A G 1  A C 30 1_555 ? ? ? ? ? ? WATSON-CRICK  ? ? ? 
hydrog2  hydrog ? ? A G 1  N2 ? ? ? 1_555 A C 30 O2 ? ? A G 1  A C 30 1_555 ? ? ? ? ? ? WATSON-CRICK  ? ? ? 
hydrog3  hydrog ? ? A G 1  O6 ? ? ? 1_555 A C 30 N4 ? ? A G 1  A C 30 1_555 ? ? ? ? ? ? WATSON-CRICK  ? ? ? 
hydrog4  hydrog ? ? A G 2  N1 ? ? ? 1_555 A C 29 N3 ? ? A G 2  A C 29 1_555 ? ? ? ? ? ? WATSON-CRICK  ? ? ? 
hydrog5  hydrog ? ? A G 2  N2 ? ? ? 1_555 A C 29 O2 ? ? A G 2  A C 29 1_555 ? ? ? ? ? ? WATSON-CRICK  ? ? ? 
hydrog6  hydrog ? ? A G 2  O6 ? ? ? 1_555 A C 29 N4 ? ? A G 2  A C 29 1_555 ? ? ? ? ? ? WATSON-CRICK  ? ? ? 
hydrog7  hydrog ? ? A C 3  N3 ? ? ? 1_555 A G 28 N1 ? ? A C 3  A G 28 1_555 ? ? ? ? ? ? WATSON-CRICK  ? ? ? 
hydrog8  hydrog ? ? A C 3  N4 ? ? ? 1_555 A G 28 O6 ? ? A C 3  A G 28 1_555 ? ? ? ? ? ? WATSON-CRICK  ? ? ? 
hydrog9  hydrog ? ? A C 3  O2 ? ? ? 1_555 A G 28 N2 ? ? A C 3  A G 28 1_555 ? ? ? ? ? ? WATSON-CRICK  ? ? ? 
hydrog10 hydrog ? ? A G 4  N1 ? ? ? 1_555 A C 27 N3 ? ? A G 4  A C 27 1_555 ? ? ? ? ? ? WATSON-CRICK  ? ? ? 
hydrog11 hydrog ? ? A G 4  N2 ? ? ? 1_555 A C 27 O2 ? ? A G 4  A C 27 1_555 ? ? ? ? ? ? WATSON-CRICK  ? ? ? 
hydrog12 hydrog ? ? A G 4  O6 ? ? ? 1_555 A C 27 N4 ? ? A G 4  A C 27 1_555 ? ? ? ? ? ? WATSON-CRICK  ? ? ? 
hydrog13 hydrog ? ? A C 5  N3 ? ? ? 1_555 A C 26 N4 ? ? A C 5  A C 26 1_555 ? ? ? ? ? ? 'C-C MISPAIR' ? ? ? 
hydrog14 hydrog ? ? A U 6  N3 ? ? ? 1_555 A A 25 N1 ? ? A U 6  A A 25 1_555 ? ? ? ? ? ? WATSON-CRICK  ? ? ? 
hydrog15 hydrog ? ? A U 6  O4 ? ? ? 1_555 A A 25 N6 ? ? A U 6  A A 25 1_555 ? ? ? ? ? ? WATSON-CRICK  ? ? ? 
hydrog16 hydrog ? ? A C 7  N3 ? ? ? 1_555 A G 24 N1 ? ? A C 7  A G 24 1_555 ? ? ? ? ? ? WATSON-CRICK  ? ? ? 
hydrog17 hydrog ? ? A C 7  N4 ? ? ? 1_555 A G 24 O6 ? ? A C 7  A G 24 1_555 ? ? ? ? ? ? WATSON-CRICK  ? ? ? 
hydrog18 hydrog ? ? A C 7  O2 ? ? ? 1_555 A G 24 N2 ? ? A C 7  A G 24 1_555 ? ? ? ? ? ? WATSON-CRICK  ? ? ? 
hydrog19 hydrog ? ? A A 9  N1 ? ? ? 1_555 A C 23 N4 ? ? A A 9  A C 23 1_555 ? ? ? ? ? ? TYPE_26_PAIR  ? ? ? 
hydrog20 hydrog ? ? A A 9  N6 ? ? ? 1_555 A C 23 N3 ? ? A A 9  A C 23 1_555 ? ? ? ? ? ? TYPE_26_PAIR  ? ? ? 
hydrog21 hydrog ? ? A G 11 N1 ? ? ? 1_555 A A 22 N1 ? ? A G 11 A A 22 1_555 ? ? ? ? ? ? TYPE_8_PAIR   ? ? ? 
hydrog22 hydrog ? ? A G 11 O6 ? ? ? 1_555 A A 22 N6 ? ? A G 11 A A 22 1_555 ? ? ? ? ? ? TYPE_8_PAIR   ? ? ? 
hydrog23 hydrog ? ? A G 11 N2 ? ? ? 1_555 A C 23 O2 ? ? A G 11 A C 23 1_555 ? ? ? ? ? ? 'G-C PAIR'    ? ? ? 
hydrog24 hydrog ? ? A C 12 N3 ? ? ? 1_555 A G 21 N1 ? ? A C 12 A G 21 1_555 ? ? ? ? ? ? WATSON-CRICK  ? ? ? 
hydrog25 hydrog ? ? A C 12 N4 ? ? ? 1_555 A G 21 O6 ? ? A C 12 A G 21 1_555 ? ? ? ? ? ? WATSON-CRICK  ? ? ? 
hydrog26 hydrog ? ? A C 12 O2 ? ? ? 1_555 A G 21 N2 ? ? A C 12 A G 21 1_555 ? ? ? ? ? ? WATSON-CRICK  ? ? ? 
hydrog27 hydrog ? ? A U 13 N3 ? ? ? 1_555 A A 20 N1 ? ? A U 13 A A 20 1_555 ? ? ? ? ? ? WATSON-CRICK  ? ? ? 
hydrog28 hydrog ? ? A U 13 O4 ? ? ? 1_555 A A 20 N6 ? ? A U 13 A A 20 1_555 ? ? ? ? ? ? WATSON-CRICK  ? ? ? 
hydrog29 hydrog ? ? A C 14 N3 ? ? ? 1_555 A G 19 N1 ? ? A C 14 A G 19 1_555 ? ? ? ? ? ? WATSON-CRICK  ? ? ? 
hydrog30 hydrog ? ? A C 14 N4 ? ? ? 1_555 A G 19 O6 ? ? A C 14 A G 19 1_555 ? ? ? ? ? ? WATSON-CRICK  ? ? ? 
hydrog31 hydrog ? ? A C 14 O2 ? ? ? 1_555 A G 19 N2 ? ? A C 14 A G 19 1_555 ? ? ? ? ? ? WATSON-CRICK  ? ? ? 
hydrog32 hydrog ? ? A U 15 O2 ? ? ? 1_555 A G 18 N1 ? ? A U 15 A G 18 1_555 ? ? ? ? ? ? 'U-G MISPAIR' ? ? ? 
hydrog33 hydrog ? ? A U 15 O2 ? ? ? 1_555 A G 19 N1 ? ? A U 15 A G 19 1_555 ? ? ? ? ? ? 'U-G MISPAIR' ? ? ? 
# 
_struct_conn_type.id          hydrog 
_struct_conn_type.criteria    ? 
_struct_conn_type.reference   ? 
# 
loop_
_pdbx_validate_rmsd_angle.id 
_pdbx_validate_rmsd_angle.PDB_model_num 
_pdbx_validate_rmsd_angle.auth_atom_id_1 
_pdbx_validate_rmsd_angle.auth_asym_id_1 
_pdbx_validate_rmsd_angle.auth_comp_id_1 
_pdbx_validate_rmsd_angle.auth_seq_id_1 
_pdbx_validate_rmsd_angle.PDB_ins_code_1 
_pdbx_validate_rmsd_angle.label_alt_id_1 
_pdbx_validate_rmsd_angle.auth_atom_id_2 
_pdbx_validate_rmsd_angle.auth_asym_id_2 
_pdbx_validate_rmsd_angle.auth_comp_id_2 
_pdbx_validate_rmsd_angle.auth_seq_id_2 
_pdbx_validate_rmsd_angle.PDB_ins_code_2 
_pdbx_validate_rmsd_angle.label_alt_id_2 
_pdbx_validate_rmsd_angle.auth_atom_id_3 
_pdbx_validate_rmsd_angle.auth_asym_id_3 
_pdbx_validate_rmsd_angle.auth_comp_id_3 
_pdbx_validate_rmsd_angle.auth_seq_id_3 
_pdbx_validate_rmsd_angle.PDB_ins_code_3 
_pdbx_validate_rmsd_angle.label_alt_id_3 
_pdbx_validate_rmsd_angle.angle_value 
_pdbx_validate_rmsd_angle.angle_target_value 
_pdbx_validate_rmsd_angle.angle_deviation 
_pdbx_validate_rmsd_angle.angle_standard_deviation 
_pdbx_validate_rmsd_angle.linker_flag 
1  1 N7 A G 1  ? ? C8 A G 1  ? ? N9 A G 1  ? ? 117.76 113.10 4.66  0.50 N 
2  1 C8 A G 1  ? ? N9 A G 1  ? ? C4 A G 1  ? ? 103.68 106.40 -2.72 0.40 N 
3  1 N7 A G 2  ? ? C8 A G 2  ? ? N9 A G 2  ? ? 117.64 113.10 4.54  0.50 N 
4  1 C8 A G 2  ? ? N9 A G 2  ? ? C4 A G 2  ? ? 103.67 106.40 -2.73 0.40 N 
5  1 N7 A G 4  ? ? C8 A G 4  ? ? N9 A G 4  ? ? 117.58 113.10 4.48  0.50 N 
6  1 C8 A G 4  ? ? N9 A G 4  ? ? C4 A G 4  ? ? 103.73 106.40 -2.67 0.40 N 
7  1 N7 A A 8  ? ? C8 A A 8  ? ? N9 A A 8  ? ? 117.54 113.80 3.74  0.50 N 
8  1 N7 A A 9  ? ? C8 A A 9  ? ? N9 A A 9  ? ? 117.55 113.80 3.75  0.50 N 
9  1 N7 A G 11 ? ? C8 A G 11 ? ? N9 A G 11 ? ? 117.68 113.10 4.58  0.50 N 
10 1 C8 A G 11 ? ? N9 A G 11 ? ? C4 A G 11 ? ? 103.87 106.40 -2.53 0.40 N 
11 1 N7 A G 18 ? ? C8 A G 18 ? ? N9 A G 18 ? ? 117.70 113.10 4.60  0.50 N 
12 1 C8 A G 18 ? ? N9 A G 18 ? ? C4 A G 18 ? ? 103.64 106.40 -2.76 0.40 N 
13 1 N7 A G 19 ? ? C8 A G 19 ? ? N9 A G 19 ? ? 117.78 113.10 4.68  0.50 N 
14 1 C8 A G 19 ? ? N9 A G 19 ? ? C4 A G 19 ? ? 103.63 106.40 -2.77 0.40 N 
15 1 N7 A A 20 ? ? C8 A A 20 ? ? N9 A A 20 ? ? 117.60 113.80 3.80  0.50 N 
16 1 N7 A G 21 ? ? C8 A G 21 ? ? N9 A G 21 ? ? 117.71 113.10 4.61  0.50 N 
17 1 C8 A G 21 ? ? N9 A G 21 ? ? C4 A G 21 ? ? 103.67 106.40 -2.73 0.40 N 
18 1 N7 A A 22 ? ? C8 A A 22 ? ? N9 A A 22 ? ? 117.54 113.80 3.74  0.50 N 
19 1 N7 A G 24 ? ? C8 A G 24 ? ? N9 A G 24 ? ? 117.58 113.10 4.48  0.50 N 
20 1 C8 A G 24 ? ? N9 A G 24 ? ? C4 A G 24 ? ? 103.82 106.40 -2.58 0.40 N 
21 1 N7 A A 25 ? ? C8 A A 25 ? ? N9 A A 25 ? ? 117.47 113.80 3.67  0.50 N 
22 1 N7 A G 28 ? ? C8 A G 28 ? ? N9 A G 28 ? ? 117.77 113.10 4.67  0.50 N 
23 1 C8 A G 28 ? ? N9 A G 28 ? ? C4 A G 28 ? ? 103.68 106.40 -2.72 0.40 N 
# 
_pdbx_nmr_ensemble.entry_id                                      1KP7 
_pdbx_nmr_ensemble.conformers_calculated_total_number            26 
_pdbx_nmr_ensemble.conformers_submitted_total_number             1 
_pdbx_nmr_ensemble.conformer_selection_criteria                  
'energy-minimized average of 26 converged conformers with low energy and low restraint violations' 
_pdbx_nmr_ensemble.average_constraints_per_residue               ? 
_pdbx_nmr_ensemble.average_constraint_violations_per_residue     ? 
_pdbx_nmr_ensemble.maximum_distance_constraint_violation         ? 
_pdbx_nmr_ensemble.average_distance_constraint_violation         ? 
_pdbx_nmr_ensemble.maximum_upper_distance_constraint_violation   ? 
_pdbx_nmr_ensemble.maximum_lower_distance_constraint_violation   ? 
_pdbx_nmr_ensemble.distance_constraint_violation_method          ? 
_pdbx_nmr_ensemble.maximum_torsion_angle_constraint_violation    ? 
_pdbx_nmr_ensemble.average_torsion_angle_constraint_violation    ? 
_pdbx_nmr_ensemble.torsion_angle_constraint_violation_method     ? 
# 
loop_
_pdbx_nmr_sample_details.solution_id 
_pdbx_nmr_sample_details.contents 
_pdbx_nmr_sample_details.solvent_system 
1 '1.4 mM RNA, 10mM sodium phosphate buffer, 0.1mM EDTA'           'D2O or 90% H2O, 10% D2O' 
2 '0.9 mM U-15N,13C RNA, 10mM sodium phosphate buffer, 0.1mM EDTA' 'D2O or 90% H2O, 10% D2O' 
# 
_pdbx_nmr_exptl_sample_conditions.conditions_id       1 
_pdbx_nmr_exptl_sample_conditions.temperature         298 
_pdbx_nmr_exptl_sample_conditions.pressure            ambient 
_pdbx_nmr_exptl_sample_conditions.pH                  6 
_pdbx_nmr_exptl_sample_conditions.ionic_strength      '10 mM sodium phosphate' 
_pdbx_nmr_exptl_sample_conditions.pressure_units      ? 
_pdbx_nmr_exptl_sample_conditions.temperature_units   K 
# 
loop_
_pdbx_nmr_exptl.experiment_id 
_pdbx_nmr_exptl.solution_id 
_pdbx_nmr_exptl.conditions_id 
_pdbx_nmr_exptl.type 
1 1 1 '2D NOESY, DQF-COSY, TOCSY, H-P HETCOR'                                  
2 2 1 '3D C-edited NOESY, HCCH COSY, HCP, C-edited H-P HETCOR, C-edited TOCSY' 
# 
_pdbx_nmr_refine.entry_id           1KP7 
_pdbx_nmr_refine.method             'simulated annealing' 
_pdbx_nmr_refine.details            ? 
_pdbx_nmr_refine.software_ordinal   1 
# 
loop_
_pdbx_nmr_software.name 
_pdbx_nmr_software.version 
_pdbx_nmr_software.classification 
_pdbx_nmr_software.authors 
_pdbx_nmr_software.ordinal 
X-PLOR 3.851 'structure solution' 'Brunger, A.T.' 1 
X-PLOR 3.851 refinement           'Brunger, A.T.' 2 
# 
loop_
_chem_comp_atom.comp_id 
_chem_comp_atom.atom_id 
_chem_comp_atom.type_symbol 
_chem_comp_atom.pdbx_aromatic_flag 
_chem_comp_atom.pdbx_stereo_config 
_chem_comp_atom.pdbx_ordinal 
A OP3    O N N 1   
A P      P N N 2   
A OP1    O N N 3   
A OP2    O N N 4   
A "O5'"  O N N 5   
A "C5'"  C N N 6   
A "C4'"  C N R 7   
A "O4'"  O N N 8   
A "C3'"  C N S 9   
A "O3'"  O N N 10  
A "C2'"  C N R 11  
A "O2'"  O N N 12  
A "C1'"  C N R 13  
A N9     N Y N 14  
A C8     C Y N 15  
A N7     N Y N 16  
A C5     C Y N 17  
A C6     C Y N 18  
A N6     N N N 19  
A N1     N Y N 20  
A C2     C Y N 21  
A N3     N Y N 22  
A C4     C Y N 23  
A HOP3   H N N 24  
A HOP2   H N N 25  
A "H5'"  H N N 26  
A "H5''" H N N 27  
A "H4'"  H N N 28  
A "H3'"  H N N 29  
A "HO3'" H N N 30  
A "H2'"  H N N 31  
A "HO2'" H N N 32  
A "H1'"  H N N 33  
A H8     H N N 34  
A H61    H N N 35  
A H62    H N N 36  
A H2     H N N 37  
C OP3    O N N 38  
C P      P N N 39  
C OP1    O N N 40  
C OP2    O N N 41  
C "O5'"  O N N 42  
C "C5'"  C N N 43  
C "C4'"  C N R 44  
C "O4'"  O N N 45  
C "C3'"  C N S 46  
C "O3'"  O N N 47  
C "C2'"  C N R 48  
C "O2'"  O N N 49  
C "C1'"  C N R 50  
C N1     N N N 51  
C C2     C N N 52  
C O2     O N N 53  
C N3     N N N 54  
C C4     C N N 55  
C N4     N N N 56  
C C5     C N N 57  
C C6     C N N 58  
C HOP3   H N N 59  
C HOP2   H N N 60  
C "H5'"  H N N 61  
C "H5''" H N N 62  
C "H4'"  H N N 63  
C "H3'"  H N N 64  
C "HO3'" H N N 65  
C "H2'"  H N N 66  
C "HO2'" H N N 67  
C "H1'"  H N N 68  
C H41    H N N 69  
C H42    H N N 70  
C H5     H N N 71  
C H6     H N N 72  
G OP3    O N N 73  
G P      P N N 74  
G OP1    O N N 75  
G OP2    O N N 76  
G "O5'"  O N N 77  
G "C5'"  C N N 78  
G "C4'"  C N R 79  
G "O4'"  O N N 80  
G "C3'"  C N S 81  
G "O3'"  O N N 82  
G "C2'"  C N R 83  
G "O2'"  O N N 84  
G "C1'"  C N R 85  
G N9     N Y N 86  
G C8     C Y N 87  
G N7     N Y N 88  
G C5     C Y N 89  
G C6     C N N 90  
G O6     O N N 91  
G N1     N N N 92  
G C2     C N N 93  
G N2     N N N 94  
G N3     N N N 95  
G C4     C Y N 96  
G HOP3   H N N 97  
G HOP2   H N N 98  
G "H5'"  H N N 99  
G "H5''" H N N 100 
G "H4'"  H N N 101 
G "H3'"  H N N 102 
G "HO3'" H N N 103 
G "H2'"  H N N 104 
G "HO2'" H N N 105 
G "H1'"  H N N 106 
G H8     H N N 107 
G H1     H N N 108 
G H21    H N N 109 
G H22    H N N 110 
U OP3    O N N 111 
U P      P N N 112 
U OP1    O N N 113 
U OP2    O N N 114 
U "O5'"  O N N 115 
U "C5'"  C N N 116 
U "C4'"  C N R 117 
U "O4'"  O N N 118 
U "C3'"  C N S 119 
U "O3'"  O N N 120 
U "C2'"  C N R 121 
U "O2'"  O N N 122 
U "C1'"  C N R 123 
U N1     N N N 124 
U C2     C N N 125 
U O2     O N N 126 
U N3     N N N 127 
U C4     C N N 128 
U O4     O N N 129 
U C5     C N N 130 
U C6     C N N 131 
U HOP3   H N N 132 
U HOP2   H N N 133 
U "H5'"  H N N 134 
U "H5''" H N N 135 
U "H4'"  H N N 136 
U "H3'"  H N N 137 
U "HO3'" H N N 138 
U "H2'"  H N N 139 
U "HO2'" H N N 140 
U "H1'"  H N N 141 
U H3     H N N 142 
U H5     H N N 143 
U H6     H N N 144 
# 
loop_
_chem_comp_bond.comp_id 
_chem_comp_bond.atom_id_1 
_chem_comp_bond.atom_id_2 
_chem_comp_bond.value_order 
_chem_comp_bond.pdbx_aromatic_flag 
_chem_comp_bond.pdbx_stereo_config 
_chem_comp_bond.pdbx_ordinal 
A OP3   P      sing N N 1   
A OP3   HOP3   sing N N 2   
A P     OP1    doub N N 3   
A P     OP2    sing N N 4   
A P     "O5'"  sing N N 5   
A OP2   HOP2   sing N N 6   
A "O5'" "C5'"  sing N N 7   
A "C5'" "C4'"  sing N N 8   
A "C5'" "H5'"  sing N N 9   
A "C5'" "H5''" sing N N 10  
A "C4'" "O4'"  sing N N 11  
A "C4'" "C3'"  sing N N 12  
A "C4'" "H4'"  sing N N 13  
A "O4'" "C1'"  sing N N 14  
A "C3'" "O3'"  sing N N 15  
A "C3'" "C2'"  sing N N 16  
A "C3'" "H3'"  sing N N 17  
A "O3'" "HO3'" sing N N 18  
A "C2'" "O2'"  sing N N 19  
A "C2'" "C1'"  sing N N 20  
A "C2'" "H2'"  sing N N 21  
A "O2'" "HO2'" sing N N 22  
A "C1'" N9     sing N N 23  
A "C1'" "H1'"  sing N N 24  
A N9    C8     sing Y N 25  
A N9    C4     sing Y N 26  
A C8    N7     doub Y N 27  
A C8    H8     sing N N 28  
A N7    C5     sing Y N 29  
A C5    C6     sing Y N 30  
A C5    C4     doub Y N 31  
A C6    N6     sing N N 32  
A C6    N1     doub Y N 33  
A N6    H61    sing N N 34  
A N6    H62    sing N N 35  
A N1    C2     sing Y N 36  
A C2    N3     doub Y N 37  
A C2    H2     sing N N 38  
A N3    C4     sing Y N 39  
C OP3   P      sing N N 40  
C OP3   HOP3   sing N N 41  
C P     OP1    doub N N 42  
C P     OP2    sing N N 43  
C P     "O5'"  sing N N 44  
C OP2   HOP2   sing N N 45  
C "O5'" "C5'"  sing N N 46  
C "C5'" "C4'"  sing N N 47  
C "C5'" "H5'"  sing N N 48  
C "C5'" "H5''" sing N N 49  
C "C4'" "O4'"  sing N N 50  
C "C4'" "C3'"  sing N N 51  
C "C4'" "H4'"  sing N N 52  
C "O4'" "C1'"  sing N N 53  
C "C3'" "O3'"  sing N N 54  
C "C3'" "C2'"  sing N N 55  
C "C3'" "H3'"  sing N N 56  
C "O3'" "HO3'" sing N N 57  
C "C2'" "O2'"  sing N N 58  
C "C2'" "C1'"  sing N N 59  
C "C2'" "H2'"  sing N N 60  
C "O2'" "HO2'" sing N N 61  
C "C1'" N1     sing N N 62  
C "C1'" "H1'"  sing N N 63  
C N1    C2     sing N N 64  
C N1    C6     sing N N 65  
C C2    O2     doub N N 66  
C C2    N3     sing N N 67  
C N3    C4     doub N N 68  
C C4    N4     sing N N 69  
C C4    C5     sing N N 70  
C N4    H41    sing N N 71  
C N4    H42    sing N N 72  
C C5    C6     doub N N 73  
C C5    H5     sing N N 74  
C C6    H6     sing N N 75  
G OP3   P      sing N N 76  
G OP3   HOP3   sing N N 77  
G P     OP1    doub N N 78  
G P     OP2    sing N N 79  
G P     "O5'"  sing N N 80  
G OP2   HOP2   sing N N 81  
G "O5'" "C5'"  sing N N 82  
G "C5'" "C4'"  sing N N 83  
G "C5'" "H5'"  sing N N 84  
G "C5'" "H5''" sing N N 85  
G "C4'" "O4'"  sing N N 86  
G "C4'" "C3'"  sing N N 87  
G "C4'" "H4'"  sing N N 88  
G "O4'" "C1'"  sing N N 89  
G "C3'" "O3'"  sing N N 90  
G "C3'" "C2'"  sing N N 91  
G "C3'" "H3'"  sing N N 92  
G "O3'" "HO3'" sing N N 93  
G "C2'" "O2'"  sing N N 94  
G "C2'" "C1'"  sing N N 95  
G "C2'" "H2'"  sing N N 96  
G "O2'" "HO2'" sing N N 97  
G "C1'" N9     sing N N 98  
G "C1'" "H1'"  sing N N 99  
G N9    C8     sing Y N 100 
G N9    C4     sing Y N 101 
G C8    N7     doub Y N 102 
G C8    H8     sing N N 103 
G N7    C5     sing Y N 104 
G C5    C6     sing N N 105 
G C5    C4     doub Y N 106 
G C6    O6     doub N N 107 
G C6    N1     sing N N 108 
G N1    C2     sing N N 109 
G N1    H1     sing N N 110 
G C2    N2     sing N N 111 
G C2    N3     doub N N 112 
G N2    H21    sing N N 113 
G N2    H22    sing N N 114 
G N3    C4     sing N N 115 
U OP3   P      sing N N 116 
U OP3   HOP3   sing N N 117 
U P     OP1    doub N N 118 
U P     OP2    sing N N 119 
U P     "O5'"  sing N N 120 
U OP2   HOP2   sing N N 121 
U "O5'" "C5'"  sing N N 122 
U "C5'" "C4'"  sing N N 123 
U "C5'" "H5'"  sing N N 124 
U "C5'" "H5''" sing N N 125 
U "C4'" "O4'"  sing N N 126 
U "C4'" "C3'"  sing N N 127 
U "C4'" "H4'"  sing N N 128 
U "O4'" "C1'"  sing N N 129 
U "C3'" "O3'"  sing N N 130 
U "C3'" "C2'"  sing N N 131 
U "C3'" "H3'"  sing N N 132 
U "O3'" "HO3'" sing N N 133 
U "C2'" "O2'"  sing N N 134 
U "C2'" "C1'"  sing N N 135 
U "C2'" "H2'"  sing N N 136 
U "O2'" "HO2'" sing N N 137 
U "C1'" N1     sing N N 138 
U "C1'" "H1'"  sing N N 139 
U N1    C2     sing N N 140 
U N1    C6     sing N N 141 
U C2    O2     doub N N 142 
U C2    N3     sing N N 143 
U N3    C4     sing N N 144 
U N3    H3     sing N N 145 
U C4    O4     doub N N 146 
U C4    C5     sing N N 147 
U C5    C6     doub N N 148 
U C5    H5     sing N N 149 
U C6    H6     sing N N 150 
# 
loop_
_ndb_struct_conf_na.entry_id 
_ndb_struct_conf_na.feature 
1KP7 'double helix'         
1KP7 'a-form double helix'  
1KP7 tetraloop              
1KP7 'mismatched base pair' 
1KP7 'internal loop'        
# 
loop_
_ndb_struct_na_base_pair.model_number 
_ndb_struct_na_base_pair.i_label_asym_id 
_ndb_struct_na_base_pair.i_label_comp_id 
_ndb_struct_na_base_pair.i_label_seq_id 
_ndb_struct_na_base_pair.i_symmetry 
_ndb_struct_na_base_pair.j_label_asym_id 
_ndb_struct_na_base_pair.j_label_comp_id 
_ndb_struct_na_base_pair.j_label_seq_id 
_ndb_struct_na_base_pair.j_symmetry 
_ndb_struct_na_base_pair.shear 
_ndb_struct_na_base_pair.stretch 
_ndb_struct_na_base_pair.stagger 
_ndb_struct_na_base_pair.buckle 
_ndb_struct_na_base_pair.propeller 
_ndb_struct_na_base_pair.opening 
_ndb_struct_na_base_pair.pair_number 
_ndb_struct_na_base_pair.pair_name 
_ndb_struct_na_base_pair.i_auth_asym_id 
_ndb_struct_na_base_pair.i_auth_seq_id 
_ndb_struct_na_base_pair.i_PDB_ins_code 
_ndb_struct_na_base_pair.j_auth_asym_id 
_ndb_struct_na_base_pair.j_auth_seq_id 
_ndb_struct_na_base_pair.j_PDB_ins_code 
_ndb_struct_na_base_pair.hbond_type_28 
_ndb_struct_na_base_pair.hbond_type_12 
1 A G 1  1_555 A C 30 1_555 -1.251 -0.440 -0.438 -11.040 -5.378  -0.925  1  A_G1:C30_A  A 1  ? A 30 ? 19 1 
1 A G 2  1_555 A C 29 1_555 -0.669 -0.328 -0.123 -4.599  -5.667  -3.262  2  A_G2:C29_A  A 2  ? A 29 ? 19 1 
1 A C 3  1_555 A G 28 1_555 0.696  -0.341 -0.422 14.725  -8.266  -3.834  3  A_C3:G28_A  A 3  ? A 28 ? 19 1 
1 A G 4  1_555 A C 27 1_555 -0.755 -0.217 -0.287 -10.327 -8.976  0.101   4  A_G4:C27_A  A 4  ? A 27 ? 19 1 
1 A C 5  1_555 A C 26 1_555 1.375  -1.096 -0.471 -7.302  -28.666 -5.363  5  A_C5:C26_A  A 5  ? A 26 ? ?  ? 
1 A U 6  1_555 A A 25 1_555 0.108  -0.139 -0.562 14.545  -15.679 -3.792  6  A_U6:A25_A  A 6  ? A 25 ? 20 1 
1 A C 7  1_555 A G 24 1_555 0.650  -0.368 -0.853 19.284  -3.372  -3.767  7  A_C7:G24_A  A 7  ? A 24 ? 19 1 
1 A A 9  1_555 A C 23 1_555 0.131  -0.165 1.038  15.322  25.769  160.709 8  A_A9:C23_A  A 9  ? A 23 ? 26 2 
1 A G 11 1_555 A A 22 1_555 0.148  1.337  -0.277 -6.499  -13.793 -19.739 9  A_G11:A22_A A 11 ? A 22 ? 8  1 
1 A C 12 1_555 A G 21 1_555 0.344  -0.210 0.105  -3.024  -6.711  -4.167  10 A_C12:G21_A A 12 ? A 21 ? 19 1 
1 A U 13 1_555 A A 20 1_555 0.206  -0.186 -0.179 1.241   -13.324 -3.531  11 A_U13:A20_A A 13 ? A 20 ? 20 1 
1 A C 14 1_555 A G 19 1_555 0.686  -0.342 -0.423 10.704  -4.242  -4.128  12 A_C14:G19_A A 14 ? A 19 ? 19 1 
1 A U 15 1_555 A G 18 1_555 1.214  -4.562 -0.098 -10.944 -30.736 -96.728 13 A_U15:G18_A A 15 ? A 18 ? ?  ? 
# 
loop_
_ndb_struct_na_base_pair_step.model_number 
_ndb_struct_na_base_pair_step.i_label_asym_id_1 
_ndb_struct_na_base_pair_step.i_label_comp_id_1 
_ndb_struct_na_base_pair_step.i_label_seq_id_1 
_ndb_struct_na_base_pair_step.i_symmetry_1 
_ndb_struct_na_base_pair_step.j_label_asym_id_1 
_ndb_struct_na_base_pair_step.j_label_comp_id_1 
_ndb_struct_na_base_pair_step.j_label_seq_id_1 
_ndb_struct_na_base_pair_step.j_symmetry_1 
_ndb_struct_na_base_pair_step.i_label_asym_id_2 
_ndb_struct_na_base_pair_step.i_label_comp_id_2 
_ndb_struct_na_base_pair_step.i_label_seq_id_2 
_ndb_struct_na_base_pair_step.i_symmetry_2 
_ndb_struct_na_base_pair_step.j_label_asym_id_2 
_ndb_struct_na_base_pair_step.j_label_comp_id_2 
_ndb_struct_na_base_pair_step.j_label_seq_id_2 
_ndb_struct_na_base_pair_step.j_symmetry_2 
_ndb_struct_na_base_pair_step.shift 
_ndb_struct_na_base_pair_step.slide 
_ndb_struct_na_base_pair_step.rise 
_ndb_struct_na_base_pair_step.tilt 
_ndb_struct_na_base_pair_step.roll 
_ndb_struct_na_base_pair_step.twist 
_ndb_struct_na_base_pair_step.x_displacement 
_ndb_struct_na_base_pair_step.y_displacement 
_ndb_struct_na_base_pair_step.helical_rise 
_ndb_struct_na_base_pair_step.inclination 
_ndb_struct_na_base_pair_step.tip 
_ndb_struct_na_base_pair_step.helical_twist 
_ndb_struct_na_base_pair_step.step_number 
_ndb_struct_na_base_pair_step.step_name 
_ndb_struct_na_base_pair_step.i_auth_asym_id_1 
_ndb_struct_na_base_pair_step.i_auth_seq_id_1 
_ndb_struct_na_base_pair_step.i_PDB_ins_code_1 
_ndb_struct_na_base_pair_step.j_auth_asym_id_1 
_ndb_struct_na_base_pair_step.j_auth_seq_id_1 
_ndb_struct_na_base_pair_step.j_PDB_ins_code_1 
_ndb_struct_na_base_pair_step.i_auth_asym_id_2 
_ndb_struct_na_base_pair_step.i_auth_seq_id_2 
_ndb_struct_na_base_pair_step.i_PDB_ins_code_2 
_ndb_struct_na_base_pair_step.j_auth_asym_id_2 
_ndb_struct_na_base_pair_step.j_auth_seq_id_2 
_ndb_struct_na_base_pair_step.j_PDB_ins_code_2 
1 A G 1  1_555 A C 30 1_555 A G 2  1_555 A C 29 1_555 -0.160 -1.552 2.966  -4.004   4.705   31.529  -3.544 -0.339 2.711  8.557  
7.281  32.114  1  AA_G1G2:C29C30_AA   A 1  ? A 30 ? A 2  ? A 29 ? 
1 A G 2  1_555 A C 29 1_555 A C 3  1_555 A G 28 1_555 -0.530 -0.861 2.718  1.986    1.559   40.925  -1.369 0.934  2.657  2.227  
-2.838 40.999  2  AA_G2C3:G28C29_AA   A 2  ? A 29 ? A 3  ? A 28 ? 
1 A C 3  1_555 A G 28 1_555 A G 4  1_555 A C 27 1_555 1.518  -1.844 3.649  0.695    14.089  29.676  -5.692 -2.569 2.567  25.755 
-1.271 32.790  3  AA_C3G4:C27G28_AA   A 3  ? A 28 ? A 4  ? A 27 ? 
1 A G 4  1_555 A C 27 1_555 A C 5  1_555 A C 26 1_555 -1.464 -1.042 3.288  2.798    1.516   41.168  -1.638 2.373  3.148  2.152  
-3.972 41.285  4  AA_G4C5:C26C27_AA   A 4  ? A 27 ? A 5  ? A 26 ? 
1 A C 5  1_555 A C 26 1_555 A U 6  1_555 A A 25 1_555 0.603  -0.890 2.544  2.571    -3.885  29.359  -1.081 -0.742 2.679  -7.604 
-5.034 29.718  5  AA_C5U6:A25C26_AA   A 5  ? A 26 ? A 6  ? A 25 ? 
1 A U 6  1_555 A A 25 1_555 A C 7  1_555 A G 24 1_555 0.403  -1.076 3.273  0.312    -0.132  32.018  -1.926 -0.674 3.280  -0.239 
-0.565 32.020  6  AA_U6C7:G24A25_AA   A 6  ? A 25 ? A 7  ? A 24 ? 
1 A A 9  1_555 A C 23 1_555 A G 11 1_555 A A 22 1_555 2.077  1.881  -2.133 -126.918 120.840 170.530 1.001  -0.975 -2.143 60.426 
63.465 179.608 7  AA_A9G11:A22C23_AA  A 9  ? A 23 ? A 11 ? A 22 ? 
1 A G 11 1_555 A A 22 1_555 A C 12 1_555 A G 21 1_555 0.559  -1.580 3.149  -4.960   -3.751  32.836  -2.142 -1.776 3.189  -6.562 
8.677  33.404  8  AA_G11C12:G21A22_AA A 11 ? A 22 ? A 12 ? A 21 ? 
1 A C 12 1_555 A G 21 1_555 A U 13 1_555 A A 20 1_555 0.267  -1.389 2.973  2.778    6.600   35.802  -3.018 -0.090 2.695  10.605 
-4.463 36.488  9  AA_C12U13:A20G21_AA A 12 ? A 21 ? A 13 ? A 20 ? 
1 A U 13 1_555 A A 20 1_555 A C 14 1_555 A G 19 1_555 -0.126 -1.224 3.010  1.688    2.871   34.838  -2.426 0.440  2.894  4.781  
-2.811 34.992  10 AA_U13C14:G19A20_AA A 13 ? A 20 ? A 14 ? A 19 ? 
1 A C 14 1_555 A G 19 1_555 A U 15 1_555 A G 18 1_555 0.476  -0.911 2.965  10.486   6.665   99.131  -0.691 -0.161 2.944  4.366  
-6.869 99.703  11 AA_C14U15:G18G19_AA A 14 ? A 19 ? A 15 ? A 18 ? 
# 
loop_
_pdbx_nmr_spectrometer.spectrometer_id 
_pdbx_nmr_spectrometer.type 
_pdbx_nmr_spectrometer.manufacturer 
_pdbx_nmr_spectrometer.model 
_pdbx_nmr_spectrometer.field_strength 
1 ? Bruker DMX    600 
2 ? Bruker DRX    500 
3 ? Bruker AVANCE 800 
# 
_atom_sites.entry_id                    1KP7 
_atom_sites.fract_transf_matrix[1][1]   1.000000 
_atom_sites.fract_transf_matrix[1][2]   0.000000 
_atom_sites.fract_transf_matrix[1][3]   0.000000 
_atom_sites.fract_transf_matrix[2][1]   0.000000 
_atom_sites.fract_transf_matrix[2][2]   1.000000 
_atom_sites.fract_transf_matrix[2][3]   0.000000 
_atom_sites.fract_transf_matrix[3][1]   0.000000 
_atom_sites.fract_transf_matrix[3][2]   0.000000 
_atom_sites.fract_transf_matrix[3][3]   1.000000 
_atom_sites.fract_transf_vector[1]      0.00000 
_atom_sites.fract_transf_vector[2]      0.00000 
_atom_sites.fract_transf_vector[3]      0.00000 
# 
loop_
_atom_type.symbol 
C 
H 
N 
O 
P 
# 
loop_
_atom_site.group_PDB 
_atom_site.id 
_atom_site.type_symbol 
_atom_site.label_atom_id 
_atom_site.label_alt_id 
_atom_site.label_comp_id 
_atom_site.label_asym_id 
_atom_site.label_entity_id 
_atom_site.label_seq_id 
_atom_site.pdbx_PDB_ins_code 
_atom_site.Cartn_x 
_atom_site.Cartn_y 
_atom_site.Cartn_z 
_atom_site.occupancy 
_atom_site.B_iso_or_equiv 
_atom_site.pdbx_formal_charge 
_atom_site.auth_seq_id 
_atom_site.auth_comp_id 
_atom_site.auth_asym_id 
_atom_site.auth_atom_id 
_atom_site.pdbx_PDB_model_num 
ATOM 1   O "O5'"  . G A 1 1  ? 15.222  7.609   10.731  1.00 5.11 ? 1  G A "O5'"  1 
ATOM 2   C "C5'"  . G A 1 1  ? 16.365  7.222   9.963   1.00 5.48 ? 1  G A "C5'"  1 
ATOM 3   C "C4'"  . G A 1 1  ? 16.907  5.866   10.405  1.00 5.36 ? 1  G A "C4'"  1 
ATOM 4   O "O4'"  . G A 1 1  ? 17.276  5.874   11.793  1.00 5.29 ? 1  G A "O4'"  1 
ATOM 5   C "C3'"  . G A 1 1  ? 15.846  4.780   10.278  1.00 4.94 ? 1  G A "C3'"  1 
ATOM 6   O "O3'"  . G A 1 1  ? 15.961  4.170   8.988   1.00 5.13 ? 1  G A "O3'"  1 
ATOM 7   C "C2'"  . G A 1 1  ? 16.294  3.786   11.329  1.00 4.80 ? 1  G A "C2'"  1 
ATOM 8   O "O2'"  . G A 1 1  ? 17.390  2.985   10.872  1.00 5.12 ? 1  G A "O2'"  1 
ATOM 9   C "C1'"  . G A 1 1  ? 16.712  4.724   12.449  1.00 4.91 ? 1  G A "C1'"  1 
ATOM 10  N N9     . G A 1 1  ? 15.553  5.098   13.284  1.00 4.51 ? 1  G A N9     1 
ATOM 11  C C8     . G A 1 1  ? 14.820  6.237   13.284  1.00 4.44 ? 1  G A C8     1 
ATOM 12  N N7     . G A 1 1  ? 13.839  6.320   14.117  1.00 4.10 ? 1  G A N7     1 
ATOM 13  C C5     . G A 1 1  ? 13.910  5.083   14.765  1.00 3.93 ? 1  G A C5     1 
ATOM 14  C C6     . G A 1 1  ? 13.097  4.550   15.799  1.00 3.62 ? 1  G A C6     1 
ATOM 15  O O6     . G A 1 1  ? 12.135  5.070   16.361  1.00 3.40 ? 1  G A O6     1 
ATOM 16  N N1     . G A 1 1  ? 13.508  3.274   16.162  1.00 3.68 ? 1  G A N1     1 
ATOM 17  C C2     . G A 1 1  ? 14.570  2.591   15.604  1.00 3.97 ? 1  G A C2     1 
ATOM 18  N N2     . G A 1 1  ? 14.804  1.369   16.083  1.00 4.06 ? 1  G A N2     1 
ATOM 19  N N3     . G A 1 1  ? 15.341  3.086   14.632  1.00 4.23 ? 1  G A N3     1 
ATOM 20  C C4     . G A 1 1  ? 14.959  4.329   14.260  1.00 4.20 ? 1  G A C4     1 
ATOM 21  H "H5'"  . G A 1 1  ? 17.145  7.973   10.083  1.00 5.80 ? 1  G A "H5'"  1 
ATOM 22  H "H5''" . G A 1 1  ? 16.084  7.168   8.911   1.00 5.57 ? 1  G A "H5''" 1 
ATOM 23  H "H4'"  . G A 1 1  ? 17.775  5.601   9.802   1.00 5.66 ? 1  G A "H4'"  1 
ATOM 24  H "H3'"  . G A 1 1  ? 14.842  5.160   10.478  1.00 4.68 ? 1  G A "H3'"  1 
ATOM 25  H "H2'"  . G A 1 1  ? 15.455  3.164   11.649  1.00 4.46 ? 1  G A "H2'"  1 
ATOM 26  H "HO2'" . G A 1 1  ? 17.572  2.336   11.556  1.00 5.23 ? 1  G A "HO2'" 1 
ATOM 27  H "H1'"  . G A 1 1  ? 17.471  4.243   13.066  1.00 5.05 ? 1  G A "H1'"  1 
ATOM 28  H H8     . G A 1 1  ? 15.046  7.052   12.598  1.00 4.69 ? 1  G A H8     1 
ATOM 29  H H1     . G A 1 1  ? 12.975  2.830   16.894  1.00 3.54 ? 1  G A H1     1 
ATOM 30  H H21    . G A 1 1  ? 14.219  0.993   16.816  1.00 3.94 ? 1  G A H21    1 
ATOM 31  H H22    . G A 1 1  ? 15.564  0.817   15.711  1.00 4.29 ? 1  G A H22    1 
ATOM 32  H "HO5'" . G A 1 1  ? 14.909  8.444   10.376  1.00 5.04 ? 1  G A "HO5'" 1 
ATOM 33  P P      . G A 1 2  ? 14.714  3.377   8.346   1.00 4.86 ? 2  G A P      1 
ATOM 34  O OP1    . G A 1 2  ? 15.141  2.825   7.040   1.00 5.16 ? 2  G A OP1    1 
ATOM 35  O OP2    . G A 1 2  ? 13.520  4.248   8.423   1.00 5.01 ? 2  G A OP2    1 
ATOM 36  O "O5'"  . G A 1 2  ? 14.511  2.152   9.372   1.00 4.49 ? 2  G A "O5'"  1 
ATOM 37  C "C5'"  . G A 1 2  ? 15.461  1.083   9.426   1.00 4.71 ? 2  G A "C5'"  1 
ATOM 38  C "C4'"  . G A 1 2  ? 15.162  0.120   10.572  1.00 4.43 ? 2  G A "C4'"  1 
ATOM 39  O "O4'"  . G A 1 2  ? 15.165  0.783   11.840  1.00 4.27 ? 2  G A "O4'"  1 
ATOM 40  C "C3'"  . G A 1 2  ? 13.769  -0.470  10.455  1.00 4.07 ? 2  G A "C3'"  1 
ATOM 41  O "O3'"  . G A 1 2  ? 13.825  -1.616  9.600   1.00 4.27 ? 2  G A "O3'"  1 
ATOM 42  C "C2'"  . G A 1 2  ? 13.518  -0.930  11.876  1.00 3.81 ? 2  G A "C2'"  1 
ATOM 43  O "O2'"  . G A 1 2  ? 14.158  -2.183  12.146  1.00 4.02 ? 2  G A "O2'"  1 
ATOM 44  C "C1'"  . G A 1 2  ? 14.147  0.205   12.683  1.00 3.88 ? 2  G A "C1'"  1 
ATOM 45  N N9     . G A 1 2  ? 13.133  1.208   13.069  1.00 3.55 ? 2  G A N9     1 
ATOM 46  C C8     . G A 1 2  ? 12.925  2.462   12.592  1.00 3.56 ? 2  G A C8     1 
ATOM 47  N N7     . G A 1 2  ? 11.974  3.154   13.123  1.00 3.26 ? 2  G A N7     1 
ATOM 48  C C5     . G A 1 2  ? 11.471  2.264   14.077  1.00 3.00 ? 2  G A C5     1 
ATOM 49  C C6     . G A 1 2  ? 10.405  2.429   15.000  1.00 2.67 ? 2  G A C6     1 
ATOM 50  O O6     . G A 1 2  ? 9.688   3.413   15.170  1.00 2.49 ? 2  G A O6     1 
ATOM 51  N N1     . G A 1 2  ? 10.222  1.292   15.775  1.00 2.65 ? 2  G A N1     1 
ATOM 52  C C2     . G A 1 2  ? 10.971  0.137   15.681  1.00 2.90 ? 2  G A C2     1 
ATOM 53  N N2     . G A 1 2  ? 10.637  -0.854  16.508  1.00 2.97 ? 2  G A N2     1 
ATOM 54  N N3     . G A 1 2  ? 11.977  -0.026  14.817  1.00 3.17 ? 2  G A N3     1 
ATOM 55  C C4     . G A 1 2  ? 12.174  1.069   14.049  1.00 3.20 ? 2  G A C4     1 
ATOM 56  H "H5'"  . G A 1 2  ? 16.459  1.500   9.564   1.00 4.97 ? 2  G A "H5'"  1 
ATOM 57  H "H5''" . G A 1 2  ? 15.431  0.534   8.484   1.00 4.87 ? 2  G A "H5''" 1 
ATOM 58  H "H4'"  . G A 1 2  ? 15.900  -0.681  10.582  1.00 4.65 ? 2  G A "H4'"  1 
ATOM 59  H "H3'"  . G A 1 2  ? 13.035  0.268   10.126  1.00 3.93 ? 2  G A "H3'"  1 
ATOM 60  H "H2'"  . G A 1 2  ? 12.446  -0.985  12.074  1.00 3.50 ? 2  G A "H2'"  1 
ATOM 61  H "HO2'" . G A 1 2  ? 15.095  -2.069  11.969  1.00 4.06 ? 2  G A "HO2'" 1 
ATOM 62  H "H1'"  . G A 1 2  ? 14.611  -0.205  13.581  1.00 3.96 ? 2  G A "H1'"  1 
ATOM 63  H H8     . G A 1 2  ? 13.537  2.870   11.789  1.00 3.86 ? 2  G A H8     1 
ATOM 64  H H1     . G A 1 2  ? 9.478   1.338   16.456  1.00 2.50 ? 2  G A H1     1 
ATOM 65  H H21    . G A 1 2  ? 9.874   -0.733  17.159  1.00 2.86 ? 2  G A H21    1 
ATOM 66  H H22    . G A 1 2  ? 11.145  -1.726  16.482  1.00 3.18 ? 2  G A H22    1 
ATOM 67  P P      . C A 1 3  ? 12.490  -2.171  8.891   1.00 4.13 ? 3  C A P      1 
ATOM 68  O OP1    . C A 1 3  ? 12.879  -3.238  7.940   1.00 4.45 ? 3  C A OP1    1 
ATOM 69  O OP2    . C A 1 3  ? 11.701  -1.013  8.414   1.00 4.38 ? 3  C A OP2    1 
ATOM 70  O "O5'"  . C A 1 3  ? 11.695  -2.851  10.116  1.00 3.75 ? 3  C A "O5'"  1 
ATOM 71  C "C5'"  . C A 1 3  ? 11.997  -4.187  10.533  1.00 3.84 ? 3  C A "C5'"  1 
ATOM 72  C "C4'"  . C A 1 3  ? 11.047  -4.663  11.630  1.00 3.52 ? 3  C A "C4'"  1 
ATOM 73  O "O4'"  . C A 1 3  ? 11.171  -3.869  12.821  1.00 3.36 ? 3  C A "O4'"  1 
ATOM 74  C "C3'"  . C A 1 3  ? 9.594   -4.511  11.206  1.00 3.27 ? 3  C A "C3'"  1 
ATOM 75  O "O3'"  . C A 1 3  ? 9.179   -5.704  10.535  1.00 3.43 ? 3  C A "O3'"  1 
ATOM 76  C "C2'"  . C A 1 3  ? 8.899   -4.436  12.547  1.00 2.97 ? 3  C A "C2'"  1 
ATOM 77  O "O2'"  . C A 1 3  ? 8.782   -5.727  13.160  1.00 3.07 ? 3  C A "O2'"  1 
ATOM 78  C "C1'"  . C A 1 3  ? 9.857   -3.537  13.313  1.00 2.99 ? 3  C A "C1'"  1 
ATOM 79  N N1     . C A 1 3  ? 9.542   -2.109  13.081  1.00 2.80 ? 3  C A N1     1 
ATOM 80  C C2     . C A 1 3  ? 8.720   -1.470  13.998  1.00 2.50 ? 3  C A C2     1 
ATOM 81  O O2     . C A 1 3  ? 8.268   -2.086  14.962  1.00 2.45 ? 3  C A O2     1 
ATOM 82  N N3     . C A 1 3  ? 8.426   -0.157  13.794  1.00 2.33 ? 3  C A N3     1 
ATOM 83  C C4     . C A 1 3  ? 8.916   0.501   12.734  1.00 2.48 ? 3  C A C4     1 
ATOM 84  N N4     . C A 1 3  ? 8.614   1.787   12.567  1.00 2.37 ? 3  C A N4     1 
ATOM 85  C C5     . C A 1 3  ? 9.759   -0.156  11.787  1.00 2.84 ? 3  C A C5     1 
ATOM 86  C C6     . C A 1 3  ? 10.046  -1.450  11.997  1.00 2.97 ? 3  C A C6     1 
ATOM 87  H "H5'"  . C A 1 3  ? 13.021  -4.222  10.908  1.00 4.03 ? 3  C A "H5'"  1 
ATOM 88  H "H5''" . C A 1 3  ? 11.909  -4.853  9.674   1.00 4.01 ? 3  C A "H5''" 1 
ATOM 89  H "H4'"  . C A 1 3  ? 11.254  -5.704  11.868  1.00 3.65 ? 3  C A "H4'"  1 
ATOM 90  H "H3'"  . C A 1 3  ? 9.431   -3.610  10.610  1.00 3.23 ? 3  C A "H3'"  1 
ATOM 91  H "H2'"  . C A 1 3  ? 7.922   -3.955  12.448  1.00 2.74 ? 3  C A "H2'"  1 
ATOM 92  H "HO2'" . C A 1 3  ? 8.274   -5.614  13.967  1.00 3.09 ? 3  C A "HO2'" 1 
ATOM 93  H "H1'"  . C A 1 3  ? 9.798   -3.758  14.379  1.00 2.96 ? 3  C A "H1'"  1 
ATOM 94  H H41    . C A 1 3  ? 8.014   2.255   13.232  1.00 2.14 ? 3  C A H41    1 
ATOM 95  H H42    . C A 1 3  ? 8.981   2.294   11.775  1.00 2.55 ? 3  C A H42    1 
ATOM 96  H H5     . C A 1 3  ? 10.150  0.371   10.918  1.00 3.04 ? 3  C A H5     1 
ATOM 97  H H6     . C A 1 3  ? 10.688  -1.980  11.295  1.00 3.26 ? 3  C A H6     1 
ATOM 98  P P      . G A 1 4  ? 7.924   -5.678  9.527   1.00 3.40 ? 4  G A P      1 
ATOM 99  O OP1    . G A 1 4  ? 7.660   -7.065  9.081   1.00 3.81 ? 4  G A OP1    1 
ATOM 100 O OP2    . G A 1 4  ? 8.154   -4.613  8.526   1.00 3.74 ? 4  G A OP2    1 
ATOM 101 O "O5'"  . G A 1 4  ? 6.713   -5.218  10.484  1.00 3.02 ? 4  G A "O5'"  1 
ATOM 102 C "C5'"  . G A 1 4  ? 6.237   -6.081  11.521  1.00 2.99 ? 4  G A "C5'"  1 
ATOM 103 C "C4'"  . G A 1 4  ? 5.325   -5.342  12.500  1.00 2.70 ? 4  G A "C4'"  1 
ATOM 104 O "O4'"  . G A 1 4  ? 5.975   -4.214  13.088  1.00 2.52 ? 4  G A "O4'"  1 
ATOM 105 C "C3'"  . G A 1 4  ? 4.117   -4.753  11.800  1.00 2.57 ? 4  G A "C3'"  1 
ATOM 106 O "O3'"  . G A 1 4  ? 3.107   -5.761  11.694  1.00 2.72 ? 4  G A "O3'"  1 
ATOM 107 C "C2'"  . G A 1 4  ? 3.667   -3.713  12.807  1.00 2.29 ? 4  G A "C2'"  1 
ATOM 108 O "O2'"  . G A 1 4  ? 2.903   -4.300  13.866  1.00 2.33 ? 4  G A "O2'"  1 
ATOM 109 C "C1'"  . G A 1 4  ? 5.003   -3.173  13.316  1.00 2.25 ? 4  G A "C1'"  1 
ATOM 110 N N9     . G A 1 4  ? 5.370   -1.925  12.615  1.00 2.12 ? 4  G A N9     1 
ATOM 111 C C8     . G A 1 4  ? 6.368   -1.685  11.730  1.00 2.23 ? 4  G A C8     1 
ATOM 112 N N7     . G A 1 4  ? 6.482   -0.484  11.268  1.00 2.10 ? 4  G A N7     1 
ATOM 113 C C5     . G A 1 4  ? 5.430   0.171   11.916  1.00 1.86 ? 4  G A C5     1 
ATOM 114 C C6     . G A 1 4  ? 5.013   1.527   11.834  1.00 1.65 ? 4  G A C6     1 
ATOM 115 O O6     . G A 1 4  ? 5.503   2.438   11.170  1.00 1.64 ? 4  G A O6     1 
ATOM 116 N N1     . G A 1 4  ? 3.913   1.772   12.645  1.00 1.49 ? 4  G A N1     1 
ATOM 117 C C2     . G A 1 4  ? 3.286   0.831   13.440  1.00 1.55 ? 4  G A C2     1 
ATOM 118 N N2     . G A 1 4  ? 2.237   1.253   14.145  1.00 1.48 ? 4  G A N2     1 
ATOM 119 N N3     . G A 1 4  ? 3.674   -0.444  13.523  1.00 1.74 ? 4  G A N3     1 
ATOM 120 C C4     . G A 1 4  ? 4.745   -0.705  12.742  1.00 1.87 ? 4  G A C4     1 
ATOM 121 H "H5'"  . G A 1 4  ? 7.089   -6.484  12.068  1.00 3.09 ? 4  G A "H5'"  1 
ATOM 122 H "H5''" . G A 1 4  ? 5.682   -6.904  11.071  1.00 3.15 ? 4  G A "H5''" 1 
ATOM 123 H "H4'"  . G A 1 4  ? 4.999   -6.022  13.285  1.00 2.76 ? 4  G A "H4'"  1 
ATOM 124 H "H3'"  . G A 1 4  ? 4.374   -4.308  10.837  1.00 2.60 ? 4  G A "H3'"  1 
ATOM 125 H "H2'"  . G A 1 4  ? 3.103   -2.920  12.308  1.00 2.16 ? 4  G A "H2'"  1 
ATOM 126 H "HO2'" . G A 1 4  ? 2.557   -3.582  14.401  1.00 2.51 ? 4  G A "HO2'" 1 
ATOM 127 H "H1'"  . G A 1 4  ? 4.928   -2.978  14.386  1.00 2.19 ? 4  G A "H1'"  1 
ATOM 128 H H8     . G A 1 4  ? 7.049   -2.475  11.416  1.00 2.45 ? 4  G A H8     1 
ATOM 129 H H1     . G A 1 4  ? 3.562   2.720   12.640  1.00 1.38 ? 4  G A H1     1 
ATOM 130 H H21    . G A 1 4  ? 1.939   2.214   14.082  1.00 1.39 ? 4  G A H21    1 
ATOM 131 H H22    . G A 1 4  ? 1.738   0.608   14.740  1.00 1.56 ? 4  G A H22    1 
ATOM 132 P P      . C A 1 5  ? 1.833   -5.541  10.734  1.00 2.75 ? 5  C A P      1 
ATOM 133 O OP1    . C A 1 5  ? 0.998   -6.762  10.787  1.00 3.05 ? 5  C A OP1    1 
ATOM 134 O OP2    . C A 1 5  ? 2.316   -5.034  9.431   1.00 3.27 ? 5  C A OP2    1 
ATOM 135 O "O5'"  . C A 1 5  ? 1.036   -4.351  11.473  1.00 2.48 ? 5  C A "O5'"  1 
ATOM 136 C "C5'"  . C A 1 5  ? 0.279   -4.606  12.660  1.00 2.48 ? 5  C A "C5'"  1 
ATOM 137 C "C4'"  . C A 1 5  ? -0.540  -3.387  13.078  1.00 2.23 ? 5  C A "C4'"  1 
ATOM 138 O "O4'"  . C A 1 5  ? 0.297   -2.266  13.394  1.00 2.07 ? 5  C A "O4'"  1 
ATOM 139 C "C3'"  . C A 1 5  ? -1.424  -2.906  11.942  1.00 2.14 ? 5  C A "C3'"  1 
ATOM 140 O "O3'"  . C A 1 5  ? -2.666  -3.614  11.996  1.00 2.24 ? 5  C A "O3'"  1 
ATOM 141 C "C2'"  . C A 1 5  ? -1.662  -1.462  12.329  1.00 1.90 ? 5  C A "C2'"  1 
ATOM 142 O "O2'"  . C A 1 5  ? -2.672  -1.342  13.338  1.00 1.88 ? 5  C A "O2'"  1 
ATOM 143 C "C1'"  . C A 1 5  ? -0.288  -1.062  12.858  1.00 1.86 ? 5  C A "C1'"  1 
ATOM 144 N N1     . C A 1 5  ? 0.550   -0.490  11.780  1.00 1.82 ? 5  C A N1     1 
ATOM 145 C C2     . C A 1 5  ? 0.557   0.892   11.630  1.00 1.64 ? 5  C A C2     1 
ATOM 146 O O2     . C A 1 5  ? -0.118  1.601   12.375  1.00 1.54 ? 5  C A O2     1 
ATOM 147 N N3     . C A 1 5  ? 1.323   1.429   10.641  1.00 1.65 ? 5  C A N3     1 
ATOM 148 C C4     . C A 1 5  ? 2.050   0.647   9.833   1.00 1.84 ? 5  C A C4     1 
ATOM 149 N N4     . C A 1 5  ? 2.790   1.204   8.874   1.00 1.90 ? 5  C A N4     1 
ATOM 150 C C5     . C A 1 5  ? 2.044   -0.775  9.984   1.00 2.02 ? 5  C A C5     1 
ATOM 151 C C6     . C A 1 5  ? 1.286   -1.298  10.963  1.00 2.01 ? 5  C A C6     1 
ATOM 152 H "H5'"  . C A 1 5  ? 0.961   -4.871  13.468  1.00 2.55 ? 5  C A "H5'"  1 
ATOM 153 H "H5''" . C A 1 5  ? -0.397  -5.441  12.477  1.00 2.62 ? 5  C A "H5''" 1 
ATOM 154 H "H4'"  . C A 1 5  ? -1.154  -3.634  13.942  1.00 2.27 ? 5  C A "H4'"  1 
ATOM 155 H "H3'"  . C A 1 5  ? -0.931  -2.993  10.971  1.00 2.20 ? 5  C A "H3'"  1 
ATOM 156 H "H2'"  . C A 1 5  ? -1.911  -0.867  11.448  1.00 1.84 ? 5  C A "H2'"  1 
ATOM 157 H "HO2'" . C A 1 5  ? -2.912  -0.414  13.392  1.00 2.11 ? 5  C A "HO2'" 1 
ATOM 158 H "H1'"  . C A 1 5  ? -0.406  -0.329  13.657  1.00 1.77 ? 5  C A "H1'"  1 
ATOM 159 H H41    . C A 1 5  ? 2.800   2.207   8.763   1.00 1.80 ? 5  C A H41    1 
ATOM 160 H H42    . C A 1 5  ? 3.343   0.622   8.261   1.00 2.07 ? 5  C A H42    1 
ATOM 161 H H5     . C A 1 5  ? 2.629   -1.414  9.324   1.00 2.21 ? 5  C A H5     1 
ATOM 162 H H6     . C A 1 5  ? 1.259   -2.378  11.105  1.00 2.18 ? 5  C A H6     1 
ATOM 163 P P      . U A 1 6  ? -3.567  -3.788  10.672  1.00 2.28 ? 6  U A P      1 
ATOM 164 O OP1    . U A 1 6  ? -4.645  -4.757  10.967  1.00 2.59 ? 6  U A OP1    1 
ATOM 165 O OP2    . U A 1 6  ? -2.662  -4.020  9.523   1.00 2.82 ? 6  U A OP2    1 
ATOM 166 O "O5'"  . U A 1 6  ? -4.228  -2.330  10.503  1.00 2.06 ? 6  U A "O5'"  1 
ATOM 167 C "C5'"  . U A 1 6  ? -5.237  -1.881  11.412  1.00 1.97 ? 6  U A "C5'"  1 
ATOM 168 C "C4'"  . U A 1 6  ? -5.416  -0.366  11.354  1.00 1.76 ? 6  U A "C4'"  1 
ATOM 169 O "O4'"  . U A 1 6  ? -4.191  0.323   11.646  1.00 1.68 ? 6  U A "O4'"  1 
ATOM 170 C "C3'"  . U A 1 6  ? -5.797  0.098   9.959   1.00 1.72 ? 6  U A "C3'"  1 
ATOM 171 O "O3'"  . U A 1 6  ? -7.220  0.040   9.820   1.00 1.75 ? 6  U A "O3'"  1 
ATOM 172 C "C2'"  . U A 1 6  ? -5.370  1.548   10.003  1.00 1.57 ? 6  U A "C2'"  1 
ATOM 173 O "O2'"  . U A 1 6  ? -6.311  2.356   10.720  1.00 1.49 ? 6  U A "O2'"  1 
ATOM 174 C "C1'"  . U A 1 6  ? -4.045  1.440   10.746  1.00 1.57 ? 6  U A "C1'"  1 
ATOM 175 N N1     . U A 1 6  ? -2.916  1.238   9.805   1.00 1.63 ? 6  U A N1     1 
ATOM 176 C C2     . U A 1 6  ? -2.156  2.347   9.472   1.00 1.53 ? 6  U A C2     1 
ATOM 177 O O2     . U A 1 6  ? -2.389  3.465   9.929   1.00 1.42 ? 6  U A O2     1 
ATOM 178 N N3     . U A 1 6  ? -1.114  2.127   8.591   1.00 1.61 ? 6  U A N3     1 
ATOM 179 C C4     . U A 1 6  ? -0.769  0.914   8.020   1.00 1.79 ? 6  U A C4     1 
ATOM 180 O O4     . U A 1 6  ? 0.182   0.833   7.247   1.00 1.87 ? 6  U A O4     1 
ATOM 181 C C5     . U A 1 6  ? -1.613  -0.187  8.421   1.00 1.88 ? 6  U A C5     1 
ATOM 182 C C6     . U A 1 6  ? -2.640  0.001   9.284   1.00 1.80 ? 6  U A C6     1 
ATOM 183 H "H5'"  . U A 1 6  ? -4.956  -2.165  12.426  1.00 2.01 ? 6  U A "H5'"  1 
ATOM 184 H "H5''" . U A 1 6  ? -6.183  -2.359  11.157  1.00 2.03 ? 6  U A "H5''" 1 
ATOM 185 H "H4'"  . U A 1 6  ? -6.181  -0.057  12.065  1.00 1.73 ? 6  U A "H4'"  1 
ATOM 186 H "H3'"  . U A 1 6  ? -5.273  -0.460  9.181   1.00 1.82 ? 6  U A "H3'"  1 
ATOM 187 H "H2'"  . U A 1 6  ? -5.207  1.931   8.996   1.00 1.56 ? 6  U A "H2'"  1 
ATOM 188 H "HO2'" . U A 1 6  ? -6.397  1.981   11.600  1.00 1.67 ? 6  U A "HO2'" 1 
ATOM 189 H "H1'"  . U A 1 6  ? -3.881  2.350   11.321  1.00 1.49 ? 6  U A "H1'"  1 
ATOM 190 H H3     . U A 1 6  ? -0.553  2.928   8.339   1.00 1.56 ? 6  U A H3     1 
ATOM 191 H H5     . U A 1 6  ? -1.423  -1.183  8.020   1.00 2.04 ? 6  U A H5     1 
ATOM 192 H H6     . U A 1 6  ? -3.255  -0.850  9.574   1.00 1.88 ? 6  U A H6     1 
ATOM 193 P P      . C A 1 7  ? -7.893  -0.046  8.358   1.00 1.82 ? 7  C A P      1 
ATOM 194 O OP1    . C A 1 7  ? -9.353  -0.217  8.530   1.00 2.58 ? 7  C A OP1    1 
ATOM 195 O OP2    . C A 1 7  ? -7.127  -1.025  7.554   1.00 1.98 ? 7  C A OP2    1 
ATOM 196 O "O5'"  . C A 1 7  ? -7.621  1.423   7.755   1.00 1.71 ? 7  C A "O5'"  1 
ATOM 197 C "C5'"  . C A 1 7  ? -8.343  2.556   8.247   1.00 1.64 ? 7  C A "C5'"  1 
ATOM 198 C "C4'"  . C A 1 7  ? -7.671  3.871   7.857   1.00 1.56 ? 7  C A "C4'"  1 
ATOM 199 O "O4'"  . C A 1 7  ? -6.307  3.919   8.294   1.00 1.53 ? 7  C A "O4'"  1 
ATOM 200 C "C3'"  . C A 1 7  ? -7.591  4.037   6.348   1.00 1.58 ? 7  C A "C3'"  1 
ATOM 201 O "O3'"  . C A 1 7  ? -8.806  4.624   5.874   1.00 1.60 ? 7  C A "O3'"  1 
ATOM 202 C "C2'"  . C A 1 7  ? -6.480  5.058   6.226   1.00 1.53 ? 7  C A "C2'"  1 
ATOM 203 O "O2'"  . C A 1 7  ? -6.941  6.382   6.521   1.00 1.51 ? 7  C A "O2'"  1 
ATOM 204 C "C1'"  . C A 1 7  ? -5.502  4.558   7.282   1.00 1.51 ? 7  C A "C1'"  1 
ATOM 205 N N1     . C A 1 7  ? -4.523  3.623   6.686   1.00 1.55 ? 7  C A N1     1 
ATOM 206 C C2     . C A 1 7  ? -3.387  4.171   6.109   1.00 1.52 ? 7  C A C2     1 
ATOM 207 O O2     . C A 1 7  ? -3.217  5.389   6.112   1.00 1.49 ? 7  C A O2     1 
ATOM 208 N N3     . C A 1 7  ? -2.482  3.330   5.541   1.00 1.57 ? 7  C A N3     1 
ATOM 209 C C4     . C A 1 7  ? -2.681  2.006   5.536   1.00 1.65 ? 7  C A C4     1 
ATOM 210 N N4     . C A 1 7  ? -1.775  1.213   4.968   1.00 1.72 ? 7  C A N4     1 
ATOM 211 C C5     . C A 1 7  ? -3.850  1.435   6.129   1.00 1.71 ? 7  C A C5     1 
ATOM 212 C C6     . C A 1 7  ? -4.740  2.275   6.689   1.00 1.65 ? 7  C A C6     1 
ATOM 213 H "H5'"  . C A 1 7  ? -8.400  2.497   9.333   1.00 1.63 ? 7  C A "H5'"  1 
ATOM 214 H "H5''" . C A 1 7  ? -9.354  2.538   7.837   1.00 1.67 ? 7  C A "H5''" 1 
ATOM 215 H "H4'"  . C A 1 7  ? -8.218  4.707   8.289   1.00 1.54 ? 7  C A "H4'"  1 
ATOM 216 H "H3'"  . C A 1 7  ? -7.345  3.101   5.842   1.00 1.62 ? 7  C A "H3'"  1 
ATOM 217 H "H2'"  . C A 1 7  ? -6.023  5.011   5.234   1.00 1.56 ? 7  C A "H2'"  1 
ATOM 218 H "HO2'" . C A 1 7  ? -7.270  6.376   7.423   1.00 1.78 ? 7  C A "HO2'" 1 
ATOM 219 H "H1'"  . C A 1 7  ? -4.976  5.407   7.720   1.00 1.47 ? 7  C A "H1'"  1 
ATOM 220 H H41    . C A 1 7  ? -0.948  1.615   4.546   1.00 1.69 ? 7  C A H41    1 
ATOM 221 H H42    . C A 1 7  ? -1.913  0.214   4.957   1.00 1.81 ? 7  C A H42    1 
ATOM 222 H H5     . C A 1 7  ? -4.014  0.357   6.127   1.00 1.82 ? 7  C A H5     1 
ATOM 223 H H6     . C A 1 7  ? -5.642  1.873   7.151   1.00 1.70 ? 7  C A H6     1 
ATOM 224 P P      . A A 1 8  ? -9.207  4.521   4.316   1.00 1.66 ? 8  A A P      1 
ATOM 225 O OP1    . A A 1 8  ? -10.345 5.435   4.068   1.00 2.18 ? 8  A A OP1    1 
ATOM 226 O OP2    . A A 1 8  ? -9.321  3.088   3.962   1.00 1.66 ? 8  A A OP2    1 
ATOM 227 O "O5'"  . A A 1 8  ? -7.906  5.119   3.576   1.00 1.61 ? 8  A A "O5'"  1 
ATOM 228 C "C5'"  . A A 1 8  ? -7.612  6.519   3.628   1.00 1.59 ? 8  A A "C5'"  1 
ATOM 229 C "C4'"  . A A 1 8  ? -6.308  6.849   2.903   1.00 1.57 ? 8  A A "C4'"  1 
ATOM 230 O "O4'"  . A A 1 8  ? -5.186  6.170   3.489   1.00 1.64 ? 8  A A "O4'"  1 
ATOM 231 C "C3'"  . A A 1 8  ? -6.344  6.368   1.462   1.00 1.52 ? 8  A A "C3'"  1 
ATOM 232 O "O3'"  . A A 1 8  ? -6.897  7.397   0.636   1.00 1.49 ? 8  A A "O3'"  1 
ATOM 233 C "C2'"  . A A 1 8  ? -4.872  6.223   1.154   1.00 1.57 ? 8  A A "C2'"  1 
ATOM 234 O "O2'"  . A A 1 8  ? -4.249  7.490   0.912   1.00 1.61 ? 8  A A "O2'"  1 
ATOM 235 C "C1'"  . A A 1 8  ? -4.377  5.591   2.445   1.00 1.63 ? 8  A A "C1'"  1 
ATOM 236 N N9     . A A 1 8  ? -4.519  4.120   2.410   1.00 1.63 ? 8  A A N9     1 
ATOM 237 C C8     . A A 1 8  ? -5.436  3.325   3.015   1.00 1.64 ? 8  A A C8     1 
ATOM 238 N N7     . A A 1 8  ? -5.343  2.053   2.822   1.00 1.67 ? 8  A A N7     1 
ATOM 239 C C5     . A A 1 8  ? -4.228  1.975   1.982   1.00 1.66 ? 8  A A C5     1 
ATOM 240 C C6     . A A 1 8  ? -3.569  0.897   1.385   1.00 1.69 ? 8  A A C6     1 
ATOM 241 N N6     . A A 1 8  ? -3.951  -0.369  1.545   1.00 1.73 ? 8  A A N6     1 
ATOM 242 N N1     . A A 1 8  ? -2.501  1.173   0.616   1.00 1.71 ? 8  A A N1     1 
ATOM 243 C C2     . A A 1 8  ? -2.102  2.433   0.442   1.00 1.71 ? 8  A A C2     1 
ATOM 244 N N3     . A A 1 8  ? -2.651  3.530   0.959   1.00 1.68 ? 8  A A N3     1 
ATOM 245 C C4     . A A 1 8  ? -3.720  3.228   1.726   1.00 1.65 ? 8  A A C4     1 
ATOM 246 H "H5'"  . A A 1 8  ? -7.527  6.828   4.670   1.00 1.63 ? 8  A A "H5'"  1 
ATOM 247 H "H5''" . A A 1 8  ? -8.427  7.071   3.161   1.00 1.57 ? 8  A A "H5''" 1 
ATOM 248 H "H4'"  . A A 1 8  ? -6.134  7.923   2.928   1.00 1.58 ? 8  A A "H4'"  1 
ATOM 249 H "H3'"  . A A 1 8  ? -6.872  5.422   1.363   1.00 1.50 ? 8  A A "H3'"  1 
ATOM 250 H "H2'"  . A A 1 8  ? -4.719  5.539   0.314   1.00 1.56 ? 8  A A "H2'"  1 
ATOM 251 H "HO2'" . A A 1 8  ? -4.416  8.041   1.681   1.00 1.70 ? 8  A A "HO2'" 1 
ATOM 252 H "H1'"  . A A 1 8  ? -3.334  5.855   2.601   1.00 1.69 ? 8  A A "H1'"  1 
ATOM 253 H H8     . A A 1 8  ? -6.226  3.745   3.637   1.00 1.66 ? 8  A A H8     1 
ATOM 254 H H61    . A A 1 8  ? -3.440  -1.112  1.091   1.00 1.76 ? 8  A A H61    1 
ATOM 255 H H62    . A A 1 8  ? -4.751  -0.586  2.121   1.00 1.75 ? 8  A A H62    1 
ATOM 256 H H2     . A A 1 8  ? -1.233  2.581   -0.201  1.00 1.76 ? 8  A A H2     1 
ATOM 257 P P      . A A 1 9  ? -8.473  7.409   0.296   1.00 1.43 ? 9  A A P      1 
ATOM 258 O OP1    . A A 1 9  ? -8.666  8.146   -0.972  1.00 1.84 ? 9  A A OP1    1 
ATOM 259 O OP2    . A A 1 9  ? -9.208  7.828   1.511   1.00 1.94 ? 9  A A OP2    1 
ATOM 260 O "O5'"  . A A 1 9  ? -8.787  5.850   0.028   1.00 1.37 ? 9  A A "O5'"  1 
ATOM 261 C "C5'"  . A A 1 9  ? -10.085 5.432   -0.409  1.00 1.36 ? 9  A A "C5'"  1 
ATOM 262 C "C4'"  . A A 1 9  ? -10.166 3.915   -0.597  1.00 1.37 ? 9  A A "C4'"  1 
ATOM 263 O "O4'"  . A A 1 9  ? -9.143  3.444   -1.480  1.00 1.32 ? 9  A A "O4'"  1 
ATOM 264 C "C3'"  . A A 1 9  ? -9.936  3.170   0.715   1.00 1.45 ? 9  A A "C3'"  1 
ATOM 265 O "O3'"  . A A 1 9  ? -10.495 1.846   0.623   1.00 1.51 ? 9  A A "O3'"  1 
ATOM 266 C "C2'"  . A A 1 9  ? -8.427  3.037   0.742   1.00 1.45 ? 9  A A "C2'"  1 
ATOM 267 O "O2'"  . A A 1 9  ? -8.005  1.955   1.580   1.00 1.55 ? 9  A A "O2'"  1 
ATOM 268 C "C1'"  . A A 1 9  ? -8.121  2.766   -0.728  1.00 1.37 ? 9  A A "C1'"  1 
ATOM 269 N N9     . A A 1 9  ? -6.784  3.263   -1.103  1.00 1.39 ? 9  A A N9     1 
ATOM 270 C C8     . A A 1 9  ? -6.320  4.534   -1.164  1.00 1.41 ? 9  A A C8     1 
ATOM 271 N N7     . A A 1 9  ? -5.102  4.707   -1.554  1.00 1.47 ? 9  A A N7     1 
ATOM 272 C C5     . A A 1 9  ? -4.692  3.392   -1.786  1.00 1.48 ? 9  A A C5     1 
ATOM 273 C C6     . A A 1 9  ? -3.486  2.839   -2.226  1.00 1.56 ? 9  A A C6     1 
ATOM 274 N N6     . A A 1 9  ? -2.416  3.572   -2.530  1.00 1.65 ? 9  A A N6     1 
ATOM 275 N N1     . A A 1 9  ? -3.427  1.502   -2.345  1.00 1.57 ? 9  A A N1     1 
ATOM 276 C C2     . A A 1 9  ? -4.489  0.751   -2.048  1.00 1.51 ? 9  A A C2     1 
ATOM 277 N N3     . A A 1 9  ? -5.675  1.168   -1.623  1.00 1.45 ? 9  A A N3     1 
ATOM 278 C C4     . A A 1 9  ? -5.711  2.508   -1.513  1.00 1.43 ? 9  A A C4     1 
ATOM 279 H "H5'"  . A A 1 9  ? -10.313 5.918   -1.357  1.00 1.33 ? 9  A A "H5'"  1 
ATOM 280 H "H5''" . A A 1 9  ? -10.825 5.737   0.332   1.00 1.42 ? 9  A A "H5''" 1 
ATOM 281 H "H4'"  . A A 1 9  ? -11.139 3.655   -1.007  1.00 1.39 ? 9  A A "H4'"  1 
ATOM 282 H "H3'"  . A A 1 9  ? -10.316 3.724   1.575   1.00 1.51 ? 9  A A "H3'"  1 
ATOM 283 H "H2'"  . A A 1 9  ? -7.976  3.979   1.055   1.00 1.46 ? 9  A A "H2'"  1 
ATOM 284 H "HO2'" . A A 1 9  ? -8.454  1.164   1.271   1.00 1.75 ? 9  A A "HO2'" 1 
ATOM 285 H "H1'"  . A A 1 9  ? -8.177  1.694   -0.920  1.00 1.39 ? 9  A A "H1'"  1 
ATOM 286 H H8     . A A 1 9  ? -6.951  5.377   -0.896  1.00 1.40 ? 9  A A H8     1 
ATOM 287 H H61    . A A 1 9  ? -1.568  3.121   -2.845  1.00 1.73 ? 9  A A H61    1 
ATOM 288 H H62    . A A 1 9  ? -2.453  4.578   -2.446  1.00 1.67 ? 9  A A H62    1 
ATOM 289 H H2     . A A 1 9  ? -4.375  -0.321  -2.177  1.00 1.55 ? 9  A A H2     1 
ATOM 290 P P      . U A 1 10 ? -11.970 1.583   0.026   1.00 1.52 ? 10 U A P      1 
ATOM 291 O OP1    . U A 1 10 ? -12.858 2.678   0.476   1.00 2.06 ? 10 U A OP1    1 
ATOM 292 O OP2    . U A 1 10 ? -12.337 0.175   0.299   1.00 2.22 ? 10 U A OP2    1 
ATOM 293 O "O5'"  . U A 1 10 ? -11.728 1.748   -1.559  1.00 1.24 ? 10 U A "O5'"  1 
ATOM 294 C "C5'"  . U A 1 10 ? -12.501 1.008   -2.509  1.00 1.35 ? 10 U A "C5'"  1 
ATOM 295 C "C4'"  . U A 1 10 ? -11.611 0.118   -3.372  1.00 1.23 ? 10 U A "C4'"  1 
ATOM 296 O "O4'"  . U A 1 10 ? -11.000 -0.924  -2.595  1.00 1.34 ? 10 U A "O4'"  1 
ATOM 297 C "C3'"  . U A 1 10 ? -12.418 -0.592  -4.451  1.00 1.30 ? 10 U A "C3'"  1 
ATOM 298 O "O3'"  . U A 1 10 ? -11.545 -0.877  -5.552  1.00 1.27 ? 10 U A "O3'"  1 
ATOM 299 C "C2'"  . U A 1 10 ? -12.788 -1.899  -3.778  1.00 1.49 ? 10 U A "C2'"  1 
ATOM 300 O "O2'"  . U A 1 10 ? -13.089 -2.922  -4.736  1.00 1.64 ? 10 U A "O2'"  1 
ATOM 301 C "C1'"  . U A 1 10 ? -11.512 -2.204  -3.006  1.00 1.45 ? 10 U A "C1'"  1 
ATOM 302 N N1     . U A 1 10 ? -11.783 -3.076  -1.840  1.00 1.62 ? 10 U A N1     1 
ATOM 303 C C2     . U A 1 10 ? -12.042 -4.416  -2.085  1.00 1.76 ? 10 U A C2     1 
ATOM 304 O O2     . U A 1 10 ? -12.044 -4.890  -3.219  1.00 1.76 ? 10 U A O2     1 
ATOM 305 N N3     . U A 1 10 ? -12.296 -5.197  -0.973  1.00 1.94 ? 10 U A N3     1 
ATOM 306 C C4     . U A 1 10 ? -12.313 -4.768  0.342   1.00 2.00 ? 10 U A C4     1 
ATOM 307 O O4     . U A 1 10 ? -12.551 -5.556  1.255   1.00 2.19 ? 10 U A O4     1 
ATOM 308 C C5     . U A 1 10 ? -12.032 -3.360  0.504   1.00 1.87 ? 10 U A C5     1 
ATOM 309 C C6     . U A 1 10 ? -11.780 -2.572  -0.567  1.00 1.68 ? 10 U A C6     1 
ATOM 310 H "H5'"  . U A 1 10 ? -13.034 1.710   -3.151  1.00 1.56 ? 10 U A "H5'"  1 
ATOM 311 H "H5''" . U A 1 10 ? -13.226 0.389   -1.981  1.00 1.73 ? 10 U A "H5''" 1 
ATOM 312 H "H4'"  . U A 1 10 ? -10.834 0.721   -3.836  1.00 1.13 ? 10 U A "H4'"  1 
ATOM 313 H "H3'"  . U A 1 10 ? -13.296 -0.020  -4.754  1.00 1.34 ? 10 U A "H3'"  1 
ATOM 314 H "H2'"  . U A 1 10 ? -13.622 -1.743  -3.087  1.00 1.60 ? 10 U A "H2'"  1 
ATOM 315 H "HO2'" . U A 1 10 ? -12.315 -3.028  -5.292  1.00 1.86 ? 10 U A "HO2'" 1 
ATOM 316 H "H1'"  . U A 1 10 ? -10.794 -2.690  -3.668  1.00 1.43 ? 10 U A "H1'"  1 
ATOM 317 H H3     . U A 1 10 ? -12.487 -6.175  -1.136  1.00 2.06 ? 10 U A H3     1 
ATOM 318 H H5     . U A 1 10 ? -12.023 -2.924  1.503   1.00 1.95 ? 10 U A H5     1 
ATOM 319 H H6     . U A 1 10 ? -11.566 -1.515  -0.412  1.00 1.61 ? 10 U A H6     1 
ATOM 320 P P      . G A 1 11 ? -11.209 0.248   -6.656  1.00 1.19 ? 11 G A P      1 
ATOM 321 O OP1    . G A 1 11 ? -12.482 0.875   -7.081  1.00 1.71 ? 11 G A OP1    1 
ATOM 322 O OP2    . G A 1 11 ? -10.313 -0.353  -7.669  1.00 1.51 ? 11 G A OP2    1 
ATOM 323 O "O5'"  . G A 1 11 ? -10.361 1.335   -5.818  1.00 1.06 ? 11 G A "O5'"  1 
ATOM 324 C "C5'"  . G A 1 11 ? -10.867 2.660   -5.612  1.00 1.09 ? 11 G A "C5'"  1 
ATOM 325 C "C4'"  . G A 1 11 ? -9.750  3.647   -5.272  1.00 1.09 ? 11 G A "C4'"  1 
ATOM 326 O "O4'"  . G A 1 11 ? -9.041  3.258   -4.085  1.00 1.13 ? 11 G A "O4'"  1 
ATOM 327 C "C3'"  . G A 1 11 ? -8.696  3.691   -6.369  1.00 1.03 ? 11 G A "C3'"  1 
ATOM 328 O "O3'"  . G A 1 11 ? -9.048  4.709   -7.308  1.00 1.08 ? 11 G A "O3'"  1 
ATOM 329 C "C2'"  . G A 1 11 ? -7.472  4.136   -5.597  1.00 1.09 ? 11 G A "C2'"  1 
ATOM 330 O "O2'"  . G A 1 11 ? -7.510  5.539   -5.304  1.00 1.19 ? 11 G A "O2'"  1 
ATOM 331 C "C1'"  . G A 1 11 ? -7.625  3.297   -4.339  1.00 1.13 ? 11 G A "C1'"  1 
ATOM 332 N N9     . G A 1 11 ? -7.086  1.941   -4.540  1.00 1.11 ? 11 G A N9     1 
ATOM 333 C C8     . G A 1 11 ? -7.720  0.749   -4.486  1.00 1.10 ? 11 G A C8     1 
ATOM 334 N N7     . G A 1 11 ? -7.020  -0.312  -4.701  1.00 1.14 ? 11 G A N7     1 
ATOM 335 C C5     . G A 1 11 ? -5.752  0.227   -4.928  1.00 1.17 ? 11 G A C5     1 
ATOM 336 C C6     . G A 1 11 ? -4.527  -0.424  -5.225  1.00 1.26 ? 11 G A C6     1 
ATOM 337 O O6     . G A 1 11 ? -4.315  -1.627  -5.350  1.00 1.32 ? 11 G A O6     1 
ATOM 338 N N1     . G A 1 11 ? -3.491  0.488   -5.379  1.00 1.31 ? 11 G A N1     1 
ATOM 339 C C2     . G A 1 11 ? -3.613  1.858   -5.264  1.00 1.29 ? 11 G A C2     1 
ATOM 340 N N2     . G A 1 11 ? -2.499  2.567   -5.442  1.00 1.38 ? 11 G A N2     1 
ATOM 341 N N3     . G A 1 11 ? -4.761  2.478   -4.986  1.00 1.21 ? 11 G A N3     1 
ATOM 342 C C4     . G A 1 11 ? -5.785  1.610   -4.831  1.00 1.15 ? 11 G A C4     1 
ATOM 343 H "H5'"  . G A 1 11 ? -11.587 2.643   -4.793  1.00 1.15 ? 11 G A "H5'"  1 
ATOM 344 H "H5''" . G A 1 11 ? -11.370 2.993   -6.520  1.00 1.10 ? 11 G A "H5''" 1 
ATOM 345 H "H4'"  . G A 1 11 ? -10.172 4.641   -5.129  1.00 1.15 ? 11 G A "H4'"  1 
ATOM 346 H "H3'"  . G A 1 11 ? -8.549  2.715   -6.837  1.00 0.98 ? 11 G A "H3'"  1 
ATOM 347 H "H2'"  . G A 1 11 ? -6.557  3.865   -6.131  1.00 1.08 ? 11 G A "H2'"  1 
ATOM 348 H "HO2'" . G A 1 11 ? -8.307  5.704   -4.795  1.00 1.60 ? 11 G A "HO2'" 1 
ATOM 349 H "H1'"  . G A 1 11 ? -7.110  3.777   -3.507  1.00 1.23 ? 11 G A "H1'"  1 
ATOM 350 H H8     . G A 1 11 ? -8.784  0.693   -4.271  1.00 1.10 ? 11 G A H8     1 
ATOM 351 H H1     . G A 1 11 ? -2.586  0.096   -5.592  1.00 1.39 ? 11 G A H1     1 
ATOM 352 H H21    . G A 1 11 ? -1.630  2.099   -5.652  1.00 1.46 ? 11 G A H21    1 
ATOM 353 H H22    . G A 1 11 ? -2.525  3.575   -5.367  1.00 1.40 ? 11 G A H22    1 
ATOM 354 P P      . C A 1 12 ? -8.690  4.531   -8.866  1.00 1.06 ? 12 C A P      1 
ATOM 355 O OP1    . C A 1 12 ? -9.125  5.750   -9.585  1.00 1.65 ? 12 C A OP1    1 
ATOM 356 O OP2    . C A 1 12 ? -9.177  3.203   -9.305  1.00 1.69 ? 12 C A OP2    1 
ATOM 357 O "O5'"  . C A 1 12 ? -7.081  4.497   -8.854  1.00 1.07 ? 12 C A "O5'"  1 
ATOM 358 C "C5'"  . C A 1 12 ? -6.331  5.687   -8.591  1.00 1.19 ? 12 C A "C5'"  1 
ATOM 359 C "C4'"  . C A 1 12 ? -4.829  5.433   -8.655  1.00 1.23 ? 12 C A "C4'"  1 
ATOM 360 O "O4'"  . C A 1 12 ? -4.410  4.468   -7.684  1.00 1.19 ? 12 C A "O4'"  1 
ATOM 361 C "C3'"  . C A 1 12 ? -4.426  4.837   -9.993  1.00 1.20 ? 12 C A "C3'"  1 
ATOM 362 O "O3'"  . C A 1 12 ? -4.184  5.906   -10.914 1.00 1.33 ? 12 C A "O3'"  1 
ATOM 363 C "C2'"  . C A 1 12 ? -3.106  4.178   -9.645  1.00 1.23 ? 12 C A "C2'"  1 
ATOM 364 O "O2'"  . C A 1 12 ? -2.038  5.130   -9.596  1.00 1.38 ? 12 C A "O2'"  1 
ATOM 365 C "C1'"  . C A 1 12 ? -3.406  3.609   -8.261  1.00 1.19 ? 12 C A "C1'"  1 
ATOM 366 N N1     . C A 1 12 ? -3.879  2.205   -8.342  1.00 1.09 ? 12 C A N1     1 
ATOM 367 C C2     . C A 1 12 ? -2.936  1.222   -8.620  1.00 1.14 ? 12 C A C2     1 
ATOM 368 O O2     . C A 1 12 ? -1.764  1.528   -8.835  1.00 1.24 ? 12 C A O2     1 
ATOM 369 N N3     . C A 1 12 ? -3.348  -0.075  -8.661  1.00 1.11 ? 12 C A N3     1 
ATOM 370 C C4     . C A 1 12 ? -4.630  -0.397  -8.441  1.00 1.03 ? 12 C A C4     1 
ATOM 371 N N4     . C A 1 12 ? -4.995  -1.678  -8.469  1.00 1.05 ? 12 C A N4     1 
ATOM 372 C C5     . C A 1 12 ? -5.605  0.609   -8.162  1.00 0.97 ? 12 C A C5     1 
ATOM 373 C C6     . C A 1 12 ? -5.191  1.889   -8.121  1.00 1.01 ? 12 C A C6     1 
ATOM 374 H "H5'"  . C A 1 12 ? -6.587  6.057   -7.597  1.00 1.22 ? 12 C A "H5'"  1 
ATOM 375 H "H5''" . C A 1 12 ? -6.595  6.444   -9.330  1.00 1.27 ? 12 C A "H5''" 1 
ATOM 376 H "H4'"  . C A 1 12 ? -4.290  6.365   -8.493  1.00 1.34 ? 12 C A "H4'"  1 
ATOM 377 H "H3'"  . C A 1 12 ? -5.157  4.116   -10.362 1.00 1.12 ? 12 C A "H3'"  1 
ATOM 378 H "H2'"  . C A 1 12 ? -2.883  3.372   -10.346 1.00 1.21 ? 12 C A "H2'"  1 
ATOM 379 H "HO2'" . C A 1 12 ? -2.220  5.724   -8.865  1.00 1.53 ? 12 C A "HO2'" 1 
ATOM 380 H "H1'"  . C A 1 12 ? -2.503  3.651   -7.652  1.00 1.28 ? 12 C A "H1'"  1 
ATOM 381 H H41    . C A 1 12 ? -4.310  -2.394  -8.659  1.00 1.12 ? 12 C A H41    1 
ATOM 382 H H42    . C A 1 12 ? -5.956  -1.932  -8.293  1.00 1.02 ? 12 C A H42    1 
ATOM 383 H H5     . C A 1 12 ? -6.649  0.349   -7.991  1.00 0.93 ? 12 C A H5     1 
ATOM 384 H H6     . C A 1 12 ? -5.910  2.680   -7.905  1.00 1.00 ? 12 C A H6     1 
ATOM 385 P P      . U A 1 13 ? -4.401  5.689   -12.494 1.00 1.35 ? 13 U A P      1 
ATOM 386 O OP1    . U A 1 13 ? -4.208  6.990   -13.171 1.00 1.97 ? 13 U A OP1    1 
ATOM 387 O OP2    . U A 1 13 ? -5.659  4.934   -12.690 1.00 1.69 ? 13 U A OP2    1 
ATOM 388 O "O5'"  . U A 1 13 ? -3.171  4.728   -12.885 1.00 1.39 ? 13 U A "O5'"  1 
ATOM 389 C "C5'"  . U A 1 13 ? -1.838  5.243   -12.948 1.00 1.56 ? 13 U A "C5'"  1 
ATOM 390 C "C4'"  . U A 1 13 ? -0.815  4.129   -13.142 1.00 1.60 ? 13 U A "C4'"  1 
ATOM 391 O "O4'"  . U A 1 13 ? -0.826  3.203   -12.051 1.00 1.49 ? 13 U A "O4'"  1 
ATOM 392 C "C3'"  . U A 1 13 ? -1.139  3.289   -14.362 1.00 1.59 ? 13 U A "C3'"  1 
ATOM 393 O "O3'"  . U A 1 13 ? -0.556  3.904   -15.514 1.00 1.79 ? 13 U A "O3'"  1 
ATOM 394 C "C2'"  . U A 1 13 ? -0.389  2.009   -14.055 1.00 1.58 ? 13 U A "C2'"  1 
ATOM 395 O "O2'"  . U A 1 13 ? 1.008   2.132   -14.350 1.00 1.77 ? 13 U A "O2'"  1 
ATOM 396 C "C1'"  . U A 1 13 ? -0.635  1.866   -12.555 1.00 1.46 ? 13 U A "C1'"  1 
ATOM 397 N N1     . U A 1 13 ? -1.814  1.011   -12.286 1.00 1.28 ? 13 U A N1     1 
ATOM 398 C C2     . U A 1 13 ? -1.613  -0.358  -12.252 1.00 1.27 ? 13 U A C2     1 
ATOM 399 O O2     . U A 1 13 ? -0.514  -0.867  -12.459 1.00 1.39 ? 13 U A O2     1 
ATOM 400 N N3     . U A 1 13 ? -2.727  -1.128  -11.978 1.00 1.16 ? 13 U A N3     1 
ATOM 401 C C4     . U A 1 13 ? -4.007  -0.660  -11.736 1.00 1.05 ? 13 U A C4     1 
ATOM 402 O O4     . U A 1 13 ? -4.921  -1.441  -11.484 1.00 1.02 ? 13 U A O4     1 
ATOM 403 C C5     . U A 1 13 ? -4.127  0.778   -11.796 1.00 1.05 ? 13 U A C5     1 
ATOM 404 C C6     . U A 1 13 ? -3.052  1.557   -12.064 1.00 1.17 ? 13 U A C6     1 
ATOM 405 H "H5'"  . U A 1 13 ? -1.615  5.774   -12.022 1.00 1.58 ? 13 U A "H5'"  1 
ATOM 406 H "H5''" . U A 1 13 ? -1.768  5.940   -13.784 1.00 1.67 ? 13 U A "H5''" 1 
ATOM 407 H "H4'"  . U A 1 13 ? 0.181   4.557   -13.244 1.00 1.75 ? 13 U A "H4'"  1 
ATOM 408 H "H3'"  . U A 1 13 ? -2.211  3.117   -14.471 1.00 1.48 ? 13 U A "H3'"  1 
ATOM 409 H "H2'"  . U A 1 13 ? -0.832  1.169   -14.593 1.00 1.53 ? 13 U A "H2'"  1 
ATOM 410 H "HO2'" . U A 1 13 ? 1.344   2.872   -13.838 1.00 1.96 ? 13 U A "HO2'" 1 
ATOM 411 H "H1'"  . U A 1 13 ? 0.246   1.426   -12.085 1.00 1.54 ? 13 U A "H1'"  1 
ATOM 412 H H3     . U A 1 13 ? -2.595  -2.128  -11.955 1.00 1.19 ? 13 U A H3     1 
ATOM 413 H H5     . U A 1 13 ? -5.097  1.244   -11.622 1.00 0.99 ? 13 U A H5     1 
ATOM 414 H H6     . U A 1 13 ? -3.177  2.639   -12.111 1.00 1.21 ? 13 U A H6     1 
ATOM 415 P P      . C A 1 14 ? -1.117  3.573   -16.987 1.00 1.87 ? 14 C A P      1 
ATOM 416 O OP1    . C A 1 14 ? -0.411  4.440   -17.957 1.00 2.35 ? 14 C A OP1    1 
ATOM 417 O OP2    . C A 1 14 ? -2.596  3.579   -16.931 1.00 2.25 ? 14 C A OP2    1 
ATOM 418 O "O5'"  . C A 1 14 ? -0.628  2.055   -17.214 1.00 1.86 ? 14 C A "O5'"  1 
ATOM 419 C "C5'"  . C A 1 14 ? 0.733   1.769   -17.546 1.00 2.05 ? 14 C A "C5'"  1 
ATOM 420 C "C4'"  . C A 1 14 ? 0.978   0.267   -17.660 1.00 2.04 ? 14 C A "C4'"  1 
ATOM 421 O "O4'"  . C A 1 14 ? 0.726   -0.405  -16.422 1.00 1.87 ? 14 C A "O4'"  1 
ATOM 422 C "C3'"  . C A 1 14 ? 0.021   -0.372  -18.652 1.00 2.02 ? 14 C A "C3'"  1 
ATOM 423 O "O3'"  . C A 1 14 ? 0.598   -0.299  -19.959 1.00 2.27 ? 14 C A "O3'"  1 
ATOM 424 C "C2'"  . C A 1 14 ? 0.023   -1.817  -18.197 1.00 1.94 ? 14 C A "C2'"  1 
ATOM 425 O "O2'"  . C A 1 14 ? 1.163   -2.528  -18.696 1.00 2.13 ? 14 C A "O2'"  1 
ATOM 426 C "C1'"  . C A 1 14 ? 0.078   -1.666  -16.680 1.00 1.78 ? 14 C A "C1'"  1 
ATOM 427 N N1     . C A 1 14 ? -1.280  -1.705  -16.097 1.00 1.57 ? 14 C A N1     1 
ATOM 428 C C2     . C A 1 14 ? -1.768  -2.938  -15.685 1.00 1.49 ? 14 C A C2     1 
ATOM 429 O O2     . C A 1 14 ? -1.084  -3.952  -15.818 1.00 1.59 ? 14 C A O2     1 
ATOM 430 N N3     . C A 1 14 ? -3.015  -2.991  -15.144 1.00 1.36 ? 14 C A N3     1 
ATOM 431 C C4     . C A 1 14 ? -3.754  -1.882  -15.013 1.00 1.30 ? 14 C A C4     1 
ATOM 432 N N4     . C A 1 14 ? -4.970  -1.969  -14.476 1.00 1.24 ? 14 C A N4     1 
ATOM 433 C C5     . C A 1 14 ? -3.257  -0.611  -15.437 1.00 1.36 ? 14 C A C5     1 
ATOM 434 C C6     . C A 1 14 ? -2.024  -0.568  -15.970 1.00 1.50 ? 14 C A C6     1 
ATOM 435 H "H5'"  . C A 1 14 ? 1.383   2.177   -16.772 1.00 2.08 ? 14 C A "H5'"  1 
ATOM 436 H "H5''" . C A 1 14 ? 0.973   2.242   -18.499 1.00 2.21 ? 14 C A "H5''" 1 
ATOM 437 H "H4'"  . C A 1 14 ? 2.005   0.082   -17.970 1.00 2.21 ? 14 C A "H4'"  1 
ATOM 438 H "H3'"  . C A 1 14 ? -0.975  0.070   -18.605 1.00 1.92 ? 14 C A "H3'"  1 
ATOM 439 H "H2'"  . C A 1 14 ? -0.908  -2.309  -18.492 1.00 1.88 ? 14 C A "H2'"  1 
ATOM 440 H "HO2'" . C A 1 14 ? 1.097   -3.432  -18.378 1.00 2.47 ? 14 C A "HO2'" 1 
ATOM 441 H "H1'"  . C A 1 14 ? 0.678   -2.473  -16.258 1.00 1.82 ? 14 C A "H1'"  1 
ATOM 442 H H41    . C A 1 14 ? -5.327  -2.868  -14.181 1.00 1.25 ? 14 C A H41    1 
ATOM 443 H H42    . C A 1 14 ? -5.536  -1.140  -14.369 1.00 1.22 ? 14 C A H42    1 
ATOM 444 H H5     . C A 1 14 ? -3.858  0.291   -15.338 1.00 1.33 ? 14 C A H5     1 
ATOM 445 H H6     . C A 1 14 ? -1.614  0.385   -16.306 1.00 1.60 ? 14 C A H6     1 
ATOM 446 P P      . U A 1 15 ? -0.337  -0.373  -21.268 1.00 2.37 ? 15 U A P      1 
ATOM 447 O OP1    . U A 1 15 ? 0.539   -0.429  -22.460 1.00 2.70 ? 15 U A OP1    1 
ATOM 448 O OP2    . U A 1 15 ? -1.370  0.681   -21.160 1.00 2.79 ? 15 U A OP2    1 
ATOM 449 O "O5'"  . U A 1 15 ? -1.060  -1.804  -21.104 1.00 2.26 ? 15 U A "O5'"  1 
ATOM 450 C "C5'"  . U A 1 15 ? -0.333  -3.019  -21.312 1.00 2.37 ? 15 U A "C5'"  1 
ATOM 451 C "C4'"  . U A 1 15 ? -1.119  -4.236  -20.828 1.00 2.25 ? 15 U A "C4'"  1 
ATOM 452 O "O4'"  . U A 1 15 ? -1.402  -4.159  -19.422 1.00 2.00 ? 15 U A "O4'"  1 
ATOM 453 C "C3'"  . U A 1 15 ? -2.480  -4.317  -21.499 1.00 2.29 ? 15 U A "C3'"  1 
ATOM 454 O "O3'"  . U A 1 15 ? -2.349  -5.059  -22.715 1.00 2.55 ? 15 U A "O3'"  1 
ATOM 455 C "C2'"  . U A 1 15 ? -3.258  -5.147  -20.501 1.00 2.14 ? 15 U A "C2'"  1 
ATOM 456 O "O2'"  . U A 1 15 ? -2.935  -6.540  -20.601 1.00 2.26 ? 15 U A "O2'"  1 
ATOM 457 C "C1'"  . U A 1 15 ? -2.769  -4.550  -19.186 1.00 1.90 ? 15 U A "C1'"  1 
ATOM 458 N N1     . U A 1 15 ? -3.601  -3.392  -18.790 1.00 1.76 ? 15 U A N1     1 
ATOM 459 C C2     . U A 1 15 ? -4.620  -3.614  -17.880 1.00 1.64 ? 15 U A C2     1 
ATOM 460 O O2     . U A 1 15 ? -4.837  -4.721  -17.394 1.00 1.65 ? 15 U A O2     1 
ATOM 461 N N3     . U A 1 15 ? -5.386  -2.513  -17.544 1.00 1.57 ? 15 U A N3     1 
ATOM 462 C C4     . U A 1 15 ? -5.224  -1.228  -18.030 1.00 1.61 ? 15 U A C4     1 
ATOM 463 O O4     . U A 1 15 ? -5.966  -0.320  -17.660 1.00 1.60 ? 15 U A O4     1 
ATOM 464 C C5     . U A 1 15 ? -4.138  -1.087  -18.972 1.00 1.74 ? 15 U A C5     1 
ATOM 465 C C6     . U A 1 15 ? -3.374  -2.149  -19.317 1.00 1.82 ? 15 U A C6     1 
ATOM 466 H "H5'"  . U A 1 15 ? 0.612   -2.967  -20.769 1.00 2.38 ? 15 U A "H5'"  1 
ATOM 467 H "H5''" . U A 1 15 ? -0.126  -3.130  -22.376 1.00 2.57 ? 15 U A "H5''" 1 
ATOM 468 H "H4'"  . U A 1 15 ? -0.554  -5.144  -21.032 1.00 2.36 ? 15 U A "H4'"  1 
ATOM 469 H "H3'"  . U A 1 15 ? -2.927  -3.332  -21.649 1.00 2.27 ? 15 U A "H3'"  1 
ATOM 470 H "H2'"  . U A 1 15 ? -4.332  -4.981  -20.617 1.00 2.14 ? 15 U A "H2'"  1 
ATOM 471 H "HO2'" . U A 1 15 ? -3.439  -7.001  -19.925 1.00 2.27 ? 15 U A "HO2'" 1 
ATOM 472 H "H1'"  . U A 1 15 ? -2.802  -5.311  -18.405 1.00 1.84 ? 15 U A "H1'"  1 
ATOM 473 H H3     . U A 1 15 ? -6.134  -2.661  -16.882 1.00 1.54 ? 15 U A H3     1 
ATOM 474 H H5     . U A 1 15 ? -3.933  -0.114  -19.417 1.00 1.83 ? 15 U A H5     1 
ATOM 475 H H6     . U A 1 15 ? -2.561  -2.011  -20.028 1.00 1.96 ? 15 U A H6     1 
ATOM 476 P P      . U A 1 16 ? -3.505  -4.998  -23.835 1.00 2.74 ? 16 U A P      1 
ATOM 477 O OP1    . U A 1 16 ? -3.034  -5.744  -25.025 1.00 2.96 ? 16 U A OP1    1 
ATOM 478 O OP2    . U A 1 16 ? -3.946  -3.592  -23.971 1.00 3.19 ? 16 U A OP2    1 
ATOM 479 O "O5'"  . U A 1 16 ? -4.699  -5.838  -23.153 1.00 2.66 ? 16 U A "O5'"  1 
ATOM 480 C "C5'"  . U A 1 16 ? -5.939  -6.031  -23.840 1.00 2.84 ? 16 U A "C5'"  1 
ATOM 481 C "C4'"  . U A 1 16 ? -6.230  -7.509  -24.066 1.00 2.98 ? 16 U A "C4'"  1 
ATOM 482 O "O4'"  . U A 1 16 ? -5.112  -8.171  -24.677 1.00 3.08 ? 16 U A "O4'"  1 
ATOM 483 C "C3'"  . U A 1 16 ? -6.484  -8.227  -22.740 1.00 2.82 ? 16 U A "C3'"  1 
ATOM 484 O "O3'"  . U A 1 16 ? -7.521  -9.191  -22.948 1.00 3.02 ? 16 U A "O3'"  1 
ATOM 485 C "C2'"  . U A 1 16 ? -5.181  -8.959  -22.469 1.00 2.77 ? 16 U A "C2'"  1 
ATOM 486 O "O2'"  . U A 1 16 ? -5.389  -10.143 -21.690 1.00 2.77 ? 16 U A "O2'"  1 
ATOM 487 C "C1'"  . U A 1 16 ? -4.716  -9.289  -23.878 1.00 3.01 ? 16 U A "C1'"  1 
ATOM 488 N N1     . U A 1 16 ? -3.251  -9.488  -23.926 1.00 3.01 ? 16 U A N1     1 
ATOM 489 C C2     . U A 1 16 ? -2.783  -10.702 -24.400 1.00 3.21 ? 16 U A C2     1 
ATOM 490 O O2     . U A 1 16 ? -3.539  -11.599 -24.769 1.00 3.37 ? 16 U A O2     1 
ATOM 491 N N3     . U A 1 16 ? -1.408  -10.851 -24.435 1.00 3.24 ? 16 U A N3     1 
ATOM 492 C C4     . U A 1 16 ? -0.474  -9.908  -24.045 1.00 3.11 ? 16 U A C4     1 
ATOM 493 O O4     . U A 1 16 ? 0.729   -10.150 -24.121 1.00 3.20 ? 16 U A O4     1 
ATOM 494 C C5     . U A 1 16 ? -1.048  -8.672  -23.564 1.00 2.91 ? 16 U A C5     1 
ATOM 495 C C6     . U A 1 16 ? -2.391  -8.502  -23.519 1.00 2.86 ? 16 U A C6     1 
ATOM 496 H "H5'"  . U A 1 16 ? -5.901  -5.523  -24.799 1.00 3.00 ? 16 U A "H5'"  1 
ATOM 497 H "H5''" . U A 1 16 ? -6.746  -5.601  -23.250 1.00 2.76 ? 16 U A "H5''" 1 
ATOM 498 H "H4'"  . U A 1 16 ? -7.104  -7.613  -24.709 1.00 3.16 ? 16 U A "H4'"  1 
ATOM 499 H "H3'"  . U A 1 16 ? -6.732  -7.529  -21.940 1.00 2.65 ? 16 U A "H3'"  1 
ATOM 500 H "H2'"  . U A 1 16 ? -4.469  -8.286  -21.983 1.00 2.61 ? 16 U A "H2'"  1 
ATOM 501 H "HO2'" . U A 1 16 ? -5.772  -9.870  -20.853 1.00 2.89 ? 16 U A "HO2'" 1 
ATOM 502 H "H1'"  . U A 1 16 ? -5.222  -10.189 -24.228 1.00 3.17 ? 16 U A "H1'"  1 
ATOM 503 H H3     . U A 1 16 ? -1.054  -11.732 -24.778 1.00 3.39 ? 16 U A H3     1 
ATOM 504 H H5     . U A 1 16 ? -0.393  -7.868  -23.232 1.00 2.82 ? 16 U A H5     1 
ATOM 505 H H6     . U A 1 16 ? -2.795  -7.560  -23.150 1.00 2.72 ? 16 U A H6     1 
ATOM 506 P P      . C A 1 17 ? -9.052  -8.715  -23.097 1.00 3.17 ? 17 C A P      1 
ATOM 507 O OP1    . C A 1 17 ? -9.925  -9.898  -22.932 1.00 3.45 ? 17 C A OP1    1 
ATOM 508 O OP2    . C A 1 17 ? -9.164  -7.879  -24.314 1.00 3.51 ? 17 C A OP2    1 
ATOM 509 O "O5'"  . C A 1 17 ? -9.243  -7.761  -21.812 1.00 2.93 ? 17 C A "O5'"  1 
ATOM 510 C "C5'"  . C A 1 17 ? -9.235  -8.318  -20.496 1.00 2.78 ? 17 C A "C5'"  1 
ATOM 511 C "C4'"  . C A 1 17 ? -9.390  -7.251  -19.421 1.00 2.57 ? 17 C A "C4'"  1 
ATOM 512 O "O4'"  . C A 1 17 ? -8.310  -6.306  -19.459 1.00 2.32 ? 17 C A "O4'"  1 
ATOM 513 C "C3'"  . C A 1 17 ? -10.673 -6.447  -19.628 1.00 2.79 ? 17 C A "C3'"  1 
ATOM 514 O "O3'"  . C A 1 17 ? -11.262 -6.206  -18.343 1.00 2.78 ? 17 C A "O3'"  1 
ATOM 515 C "C2'"  . C A 1 17 ? -10.175 -5.122  -20.186 1.00 2.68 ? 17 C A "C2'"  1 
ATOM 516 O "O2'"  . C A 1 17 ? -11.066 -4.044  -19.875 1.00 2.77 ? 17 C A "O2'"  1 
ATOM 517 C "C1'"  . C A 1 17 ? -8.850  -4.985  -19.463 1.00 2.34 ? 17 C A "C1'"  1 
ATOM 518 N N1     . C A 1 17 ? -7.951  -4.036  -20.146 1.00 2.24 ? 17 C A N1     1 
ATOM 519 C C2     . C A 1 17 ? -8.037  -2.694  -19.799 1.00 2.14 ? 17 C A C2     1 
ATOM 520 O O2     . C A 1 17 ? -8.847  -2.324  -18.949 1.00 2.19 ? 17 C A O2     1 
ATOM 521 N N3     . C A 1 17 ? -7.205  -1.814  -20.419 1.00 2.11 ? 17 C A N3     1 
ATOM 522 C C4     . C A 1 17 ? -6.327  -2.232  -21.340 1.00 2.21 ? 17 C A C4     1 
ATOM 523 N N4     . C A 1 17 ? -5.524  -1.345  -21.928 1.00 2.26 ? 17 C A N4     1 
ATOM 524 C C5     . C A 1 17 ? -6.239  -3.612  -21.696 1.00 2.38 ? 17 C A C5     1 
ATOM 525 C C6     . C A 1 17 ? -7.064  -4.472  -21.078 1.00 2.37 ? 17 C A C6     1 
ATOM 526 H "H5'"  . C A 1 17 ? -8.298  -8.843  -20.338 1.00 2.67 ? 17 C A "H5'"  1 
ATOM 527 H "H5''" . C A 1 17 ? -10.054 -9.027  -20.410 1.00 2.97 ? 17 C A "H5''" 1 
ATOM 528 H "H4'"  . C A 1 17 ? -9.416  -7.725  -18.442 1.00 2.51 ? 17 C A "H4'"  1 
ATOM 529 H "H3'"  . C A 1 17 ? -11.357 -6.951  -20.310 1.00 3.05 ? 17 C A "H3'"  1 
ATOM 530 H "H2'"  . C A 1 17 ? -10.012 -5.205  -21.265 1.00 2.82 ? 17 C A "H2'"  1 
ATOM 531 H "HO2'" . C A 1 17 ? -11.130 -3.995  -18.918 1.00 2.96 ? 17 C A "HO2'" 1 
ATOM 532 H "H1'"  . C A 1 17 ? -9.021  -4.658  -18.443 1.00 2.24 ? 17 C A "H1'"  1 
ATOM 533 H H41    . C A 1 17 ? -5.582  -0.369  -21.679 1.00 2.44 ? 17 C A H41    1 
ATOM 534 H H42    . C A 1 17 ? -4.857  -1.651  -22.623 1.00 2.34 ? 17 C A H42    1 
ATOM 535 H H5     . C A 1 17 ? -5.533  -3.958  -22.446 1.00 2.58 ? 17 C A H5     1 
ATOM 536 H H6     . C A 1 17 ? -7.020  -5.533  -21.322 1.00 2.55 ? 17 C A H6     1 
ATOM 537 P P      . G A 1 18 ? -12.569 -7.021  -17.866 1.00 3.09 ? 18 G A P      1 
ATOM 538 O OP1    . G A 1 18 ? -13.541 -7.033  -18.983 1.00 3.45 ? 18 G A OP1    1 
ATOM 539 O OP2    . G A 1 18 ? -12.977 -6.503  -16.541 1.00 3.52 ? 18 G A OP2    1 
ATOM 540 O "O5'"  . G A 1 18 ? -12.007 -8.518  -17.672 1.00 3.00 ? 18 G A "O5'"  1 
ATOM 541 C "C5'"  . G A 1 18 ? -11.118 -8.837  -16.594 1.00 2.79 ? 18 G A "C5'"  1 
ATOM 542 C "C4'"  . G A 1 18 ? -10.625 -10.278 -16.688 1.00 2.76 ? 18 G A "C4'"  1 
ATOM 543 O "O4'"  . G A 1 18 ? -9.951  -10.520 -17.927 1.00 2.71 ? 18 G A "O4'"  1 
ATOM 544 C "C3'"  . G A 1 18 ? -9.593  -10.583 -15.613 1.00 2.57 ? 18 G A "C3'"  1 
ATOM 545 O "O3'"  . G A 1 18 ? -10.274 -11.050 -14.440 1.00 2.73 ? 18 G A "O3'"  1 
ATOM 546 C "C2'"  . G A 1 18 ? -8.839  -11.748 -16.227 1.00 2.53 ? 18 G A "C2'"  1 
ATOM 547 O "O2'"  . G A 1 18 ? -9.534  -12.986 -16.033 1.00 2.72 ? 18 G A "O2'"  1 
ATOM 548 C "C1'"  . G A 1 18 ? -8.800  -11.354 -17.702 1.00 2.57 ? 18 G A "C1'"  1 
ATOM 549 N N9     . G A 1 18 ? -7.549  -10.642 -18.032 1.00 2.38 ? 18 G A N9     1 
ATOM 550 C C8     . G A 1 18 ? -6.456  -11.086 -18.700 1.00 2.38 ? 18 G A C8     1 
ATOM 551 N N7     . G A 1 18 ? -5.480  -10.259 -18.871 1.00 2.26 ? 18 G A N7     1 
ATOM 552 C C5     . G A 1 18 ? -5.968  -9.109  -18.244 1.00 2.13 ? 18 G A C5     1 
ATOM 553 C C6     . G A 1 18 ? -5.363  -7.834  -18.086 1.00 1.98 ? 18 G A C6     1 
ATOM 554 O O6     . G A 1 18 ? -4.259  -7.460  -18.475 1.00 1.95 ? 18 G A O6     1 
ATOM 555 N N1     . G A 1 18 ? -6.191  -6.960  -17.395 1.00 1.91 ? 18 G A N1     1 
ATOM 556 C C2     . G A 1 18 ? -7.446  -7.268  -16.911 1.00 2.01 ? 18 G A C2     1 
ATOM 557 N N2     . G A 1 18 ? -8.093  -6.290  -16.278 1.00 1.99 ? 18 G A N2     1 
ATOM 558 N N3     . G A 1 18 ? -8.022  -8.465  -17.055 1.00 2.18 ? 18 G A N3     1 
ATOM 559 C C4     . G A 1 18 ? -7.234  -9.335  -17.726 1.00 2.21 ? 18 G A C4     1 
ATOM 560 H "H5'"  . G A 1 18 ? -11.642 -8.699  -15.648 1.00 2.89 ? 18 G A "H5'"  1 
ATOM 561 H "H5''" . G A 1 18 ? -10.263 -8.164  -16.628 1.00 2.59 ? 18 G A "H5''" 1 
ATOM 562 H "H4'"  . G A 1 18 ? -11.466 -10.963 -16.595 1.00 2.97 ? 18 G A "H4'"  1 
ATOM 563 H "H3'"  . G A 1 18 ? -8.941  -9.733  -15.414 1.00 2.41 ? 18 G A "H3'"  1 
ATOM 564 H "H2'"  . G A 1 18 ? -7.824  -11.800 -15.822 1.00 2.38 ? 18 G A "H2'"  1 
ATOM 565 H "HO2'" . G A 1 18 ? -9.748  -13.049 -15.099 1.00 2.92 ? 18 G A "HO2'" 1 
ATOM 566 H "H1'"  . G A 1 18 ? -8.880  -12.250 -18.319 1.00 2.69 ? 18 G A "H1'"  1 
ATOM 567 H H8     . G A 1 18 ? -6.402  -12.108 -19.079 1.00 2.51 ? 18 G A H8     1 
ATOM 568 H H1     . G A 1 18 ? -5.826  -6.030  -17.247 1.00 1.82 ? 18 G A H1     1 
ATOM 569 H H21    . G A 1 18 ? -7.659  -5.384  -16.170 1.00 1.88 ? 18 G A H21    1 
ATOM 570 H H22    . G A 1 18 ? -9.017  -6.455  -15.906 1.00 2.10 ? 18 G A H22    1 
ATOM 571 P P      . G A 1 19 ? -9.989  -10.384 -12.999 1.00 2.66 ? 19 G A P      1 
ATOM 572 O OP1    . G A 1 19 ? -10.744 -11.147 -11.979 1.00 3.11 ? 19 G A OP1    1 
ATOM 573 O OP2    . G A 1 19 ? -10.183 -8.922  -13.119 1.00 2.84 ? 19 G A OP2    1 
ATOM 574 O "O5'"  . G A 1 19 ? -8.416  -10.666 -12.778 1.00 2.60 ? 19 G A "O5'"  1 
ATOM 575 C "C5'"  . G A 1 19 ? -7.917  -12.005 -12.691 1.00 2.35 ? 19 G A "C5'"  1 
ATOM 576 C "C4'"  . G A 1 19 ? -6.510  -12.123 -13.276 1.00 2.26 ? 19 G A "C4'"  1 
ATOM 577 O "O4'"  . G A 1 19 ? -6.425  -11.512 -14.576 1.00 2.19 ? 19 G A "O4'"  1 
ATOM 578 C "C3'"  . G A 1 19 ? -5.486  -11.381 -12.429 1.00 2.14 ? 19 G A "C3'"  1 
ATOM 579 O "O3'"  . G A 1 19 ? -4.958  -12.272 -11.441 1.00 2.29 ? 19 G A "O3'"  1 
ATOM 580 C "C2'"  . G A 1 19 ? -4.410  -11.092 -13.453 1.00 2.07 ? 19 G A "C2'"  1 
ATOM 581 O "O2'"  . G A 1 19 ? -3.647  -12.262 -13.772 1.00 2.23 ? 19 G A "O2'"  1 
ATOM 582 C "C1'"  . G A 1 19 ? -5.273  -10.648 -14.620 1.00 2.04 ? 19 G A "C1'"  1 
ATOM 583 N N9     . G A 1 19 ? -5.653  -9.228  -14.470 1.00 1.87 ? 19 G A N9     1 
ATOM 584 C C8     . G A 1 19 ? -6.812  -8.688  -14.021 1.00 1.88 ? 19 G A C8     1 
ATOM 585 N N7     . G A 1 19 ? -6.883  -7.405  -13.937 1.00 1.73 ? 19 G A N7     1 
ATOM 586 C C5     . G A 1 19 ? -5.616  -7.020  -14.385 1.00 1.60 ? 19 G A C5     1 
ATOM 587 C C6     . G A 1 19 ? -5.063  -5.721  -14.529 1.00 1.46 ? 19 G A C6     1 
ATOM 588 O O6     . G A 1 19 ? -5.589  -4.638  -14.288 1.00 1.37 ? 19 G A O6     1 
ATOM 589 N N1     . G A 1 19 ? -3.761  -5.773  -15.008 1.00 1.47 ? 19 G A N1     1 
ATOM 590 C C2     . G A 1 19 ? -3.072  -6.929  -15.315 1.00 1.60 ? 19 G A C2     1 
ATOM 591 N N2     . G A 1 19 ? -1.827  -6.773  -15.763 1.00 1.67 ? 19 G A N2     1 
ATOM 592 N N3     . G A 1 19 ? -3.587  -8.156  -15.183 1.00 1.71 ? 19 G A N3     1 
ATOM 593 C C4     . G A 1 19 ? -4.856  -8.130  -14.715 1.00 1.71 ? 19 G A C4     1 
ATOM 594 H "H5'"  . G A 1 19 ? -8.586  -12.671 -13.236 1.00 2.36 ? 19 G A "H5'"  1 
ATOM 595 H "H5''" . G A 1 19 ? -7.893  -12.309 -11.643 1.00 2.66 ? 19 G A "H5''" 1 
ATOM 596 H "H4'"  . G A 1 19 ? -6.231  -13.172 -13.354 1.00 2.39 ? 19 G A "H4'"  1 
ATOM 597 H "H3'"  . G A 1 19 ? -5.894  -10.464 -11.997 1.00 2.05 ? 19 G A "H3'"  1 
ATOM 598 H "H2'"  . G A 1 19 ? -3.767  -10.274 -13.122 1.00 1.97 ? 19 G A "H2'"  1 
ATOM 599 H "HO2'" . G A 1 19 ? -4.258  -12.916 -14.118 1.00 2.22 ? 19 G A "HO2'" 1 
ATOM 600 H "H1'"  . G A 1 19 ? -4.734  -10.794 -15.558 1.00 2.09 ? 19 G A "H1'"  1 
ATOM 601 H H8     . G A 1 19 ? -7.653  -9.319  -13.740 1.00 2.03 ? 19 G A H8     1 
ATOM 602 H H1     . G A 1 19 ? -3.302  -4.883  -15.135 1.00 1.43 ? 19 G A H1     1 
ATOM 603 H H21    . G A 1 19 ? -1.437  -5.846  -15.861 1.00 1.65 ? 19 G A H21    1 
ATOM 604 H H22    . G A 1 19 ? -1.271  -7.582  -16.002 1.00 1.79 ? 19 G A H22    1 
ATOM 605 P P      . A A 1 20 ? -4.220  -11.689 -10.132 1.00 2.28 ? 20 A A P      1 
ATOM 606 O OP1    . A A 1 20 ? -3.813  -12.831 -9.283  1.00 2.55 ? 20 A A OP1    1 
ATOM 607 O OP2    . A A 1 20 ? -5.063  -10.611 -9.566  1.00 2.81 ? 20 A A OP2    1 
ATOM 608 O "O5'"  . A A 1 20 ? -2.893  -11.018 -10.748 1.00 2.11 ? 20 A A "O5'"  1 
ATOM 609 C "C5'"  . A A 1 20 ? -1.857  -11.831 -11.307 1.00 2.20 ? 20 A A "C5'"  1 
ATOM 610 C "C4'"  . A A 1 20 ? -0.760  -10.982 -11.943 1.00 2.09 ? 20 A A "C4'"  1 
ATOM 611 O "O4'"  . A A 1 20 ? -1.277  -10.155 -12.999 1.00 1.94 ? 20 A A "O4'"  1 
ATOM 612 C "C3'"  . A A 1 20 ? -0.163  -10.010 -10.936 1.00 2.05 ? 20 A A "C3'"  1 
ATOM 613 O "O3'"  . A A 1 20 ? 0.939   -10.641 -10.280 1.00 2.24 ? 20 A A "O3'"  1 
ATOM 614 C "C2'"  . A A 1 20 ? 0.365   -8.922  -11.844 1.00 1.93 ? 20 A A "C2'"  1 
ATOM 615 O "O2'"  . A A 1 20 ? 1.592   -9.305  -12.478 1.00 2.07 ? 20 A A "O2'"  1 
ATOM 616 C "C1'"  . A A 1 20 ? -0.774  -8.814  -12.845 1.00 1.82 ? 20 A A "C1'"  1 
ATOM 617 N N9     . A A 1 20 ? -1.826  -7.900  -12.356 1.00 1.66 ? 20 A A N9     1 
ATOM 618 C C8     . A A 1 20 ? -3.023  -8.181  -11.783 1.00 1.64 ? 20 A A C8     1 
ATOM 619 N N7     . A A 1 20 ? -3.780  -7.188  -11.463 1.00 1.50 ? 20 A A N7     1 
ATOM 620 C C5     . A A 1 20 ? -3.001  -6.100  -11.862 1.00 1.42 ? 20 A A C5     1 
ATOM 621 C C6     . A A 1 20 ? -3.209  -4.719  -11.812 1.00 1.29 ? 20 A A C6     1 
ATOM 622 N N6     . A A 1 20 ? -4.323  -4.168  -11.332 1.00 1.19 ? 20 A A N6     1 
ATOM 623 N N1     . A A 1 20 ? -2.232  -3.929  -12.290 1.00 1.30 ? 20 A A N1     1 
ATOM 624 C C2     . A A 1 20 ? -1.117  -4.461  -12.792 1.00 1.44 ? 20 A A C2     1 
ATOM 625 N N3     . A A 1 20 ? -0.818  -5.753  -12.892 1.00 1.55 ? 20 A A N3     1 
ATOM 626 C C4     . A A 1 20 ? -1.810  -6.524  -12.405 1.00 1.53 ? 20 A A C4     1 
ATOM 627 H "H5'"  . A A 1 20 ? -2.287  -12.484 -12.067 1.00 2.25 ? 20 A A "H5'"  1 
ATOM 628 H "H5''" . A A 1 20 ? -1.421  -12.443 -10.518 1.00 2.35 ? 20 A A "H5''" 1 
ATOM 629 H "H4'"  . A A 1 20 ? 0.022   -11.627 -12.339 1.00 2.21 ? 20 A A "H4'"  1 
ATOM 630 H "H3'"  . A A 1 20 ? -0.910  -9.632  -10.238 1.00 1.99 ? 20 A A "H3'"  1 
ATOM 631 H "H2'"  . A A 1 20 ? 0.478   -7.984  -11.295 1.00 1.86 ? 20 A A "H2'"  1 
ATOM 632 H "HO2'" . A A 1 20 ? 1.416   -10.106 -12.977 1.00 2.29 ? 20 A A "HO2'" 1 
ATOM 633 H "H1'"  . A A 1 20 ? -0.390  -8.455  -13.800 1.00 1.82 ? 20 A A "H1'"  1 
ATOM 634 H H8     . A A 1 20 ? -3.326  -9.208  -11.587 1.00 1.75 ? 20 A A H8     1 
ATOM 635 H H61    . A A 1 20 ? -4.426  -3.163  -11.323 1.00 1.11 ? 20 A A H61    1 
ATOM 636 H H62    . A A 1 20 ? -5.066  -4.756  -10.982 1.00 1.23 ? 20 A A H62    1 
ATOM 637 H H2     . A A 1 20 ? -0.368  -3.760  -13.159 1.00 1.49 ? 20 A A H2     1 
ATOM 638 P P      . G A 1 21 ? 1.475   -10.071 -8.873  1.00 2.30 ? 21 G A P      1 
ATOM 639 O OP1    . G A 1 21 ? 2.584   -10.939 -8.414  1.00 2.87 ? 21 G A OP1    1 
ATOM 640 O OP2    . G A 1 21 ? 0.309   -9.835  -7.993  1.00 2.50 ? 21 G A OP2    1 
ATOM 641 O "O5'"  . G A 1 21 ? 2.089   -8.642  -9.289  1.00 2.18 ? 21 G A "O5'"  1 
ATOM 642 C "C5'"  . G A 1 21 ? 3.378   -8.553  -9.904  1.00 2.29 ? 21 G A "C5'"  1 
ATOM 643 C "C4'"  . G A 1 21 ? 3.851   -7.106  -10.002 1.00 2.20 ? 21 G A "C4'"  1 
ATOM 644 O "O4'"  . G A 1 21 ? 3.010   -6.330  -10.867 1.00 2.00 ? 21 G A "O4'"  1 
ATOM 645 C "C3'"  . G A 1 21 ? 3.775   -6.416  -8.651  1.00 2.17 ? 21 G A "C3'"  1 
ATOM 646 O "O3'"  . G A 1 21 ? 5.011   -6.619  -7.961  1.00 2.37 ? 21 G A "O3'"  1 
ATOM 647 C "C2'"  . G A 1 21 ? 3.667   -4.961  -9.057  1.00 2.04 ? 21 G A "C2'"  1 
ATOM 648 O "O2'"  . G A 1 21 ? 4.939   -4.420  -9.434  1.00 2.16 ? 21 G A "O2'"  1 
ATOM 649 C "C1'"  . G A 1 21 ? 2.724   -5.061  -10.250 1.00 1.90 ? 21 G A "C1'"  1 
ATOM 650 N N9     . G A 1 21 ? 1.310   -4.982  -9.827  1.00 1.75 ? 21 G A N9     1 
ATOM 651 C C8     . G A 1 21 ? 0.428   -5.980  -9.571  1.00 1.73 ? 21 G A C8     1 
ATOM 652 N N7     . G A 1 21 ? -0.778  -5.648  -9.261  1.00 1.60 ? 21 G A N7     1 
ATOM 653 C C5     . G A 1 21 ? -0.712  -4.253  -9.307  1.00 1.51 ? 21 G A C5     1 
ATOM 654 C C6     . G A 1 21 ? -1.721  -3.288  -9.061  1.00 1.36 ? 21 G A C6     1 
ATOM 655 O O6     . G A 1 21 ? -2.897  -3.476  -8.764  1.00 1.28 ? 21 G A O6     1 
ATOM 656 N N1     . G A 1 21 ? -1.238  -1.994  -9.210  1.00 1.34 ? 21 G A N1     1 
ATOM 657 C C2     . G A 1 21 ? 0.057   -1.665  -9.554  1.00 1.46 ? 21 G A C2     1 
ATOM 658 N N2     . G A 1 21 ? 0.335   -0.363  -9.633  1.00 1.45 ? 21 G A N2     1 
ATOM 659 N N3     . G A 1 21 ? 1.014   -2.568  -9.792  1.00 1.59 ? 21 G A N3     1 
ATOM 660 C C4     . G A 1 21 ? 0.566   -3.836  -9.651  1.00 1.61 ? 21 G A C4     1 
ATOM 661 H "H5'"  . G A 1 21 ? 3.327   -8.980  -10.906 1.00 2.30 ? 21 G A "H5'"  1 
ATOM 662 H "H5''" . G A 1 21 ? 4.094   -9.121  -9.311  1.00 2.46 ? 21 G A "H5''" 1 
ATOM 663 H "H4'"  . G A 1 21 ? 4.875   -7.078  -10.372 1.00 2.31 ? 21 G A "H4'"  1 
ATOM 664 H "H3'"  . G A 1 21 ? 2.910   -6.742  -8.070  1.00 2.13 ? 21 G A "H3'"  1 
ATOM 665 H "H2'"  . G A 1 21 ? 3.209   -4.373  -8.259  1.00 1.97 ? 21 G A "H2'"  1 
ATOM 666 H "HO2'" . G A 1 21 ? 4.861   -3.463  -9.411  1.00 2.37 ? 21 G A "HO2'" 1 
ATOM 667 H "H1'"  . G A 1 21 ? 2.939   -4.256  -10.953 1.00 1.87 ? 21 G A "H1'"  1 
ATOM 668 H H8     . G A 1 21 ? 0.732   -7.025  -9.612  1.00 1.84 ? 21 G A H8     1 
ATOM 669 H H1     . G A 1 21 ? -1.903  -1.252  -9.050  1.00 1.25 ? 21 G A H1     1 
ATOM 670 H H21    . G A 1 21 ? -0.387  0.319   -9.448  1.00 1.36 ? 21 G A H21    1 
ATOM 671 H H22    . G A 1 21 ? 1.268   -0.059  -9.873  1.00 1.55 ? 21 G A H22    1 
ATOM 672 P P      . A A 1 22 ? 5.081   -6.512  -6.355  1.00 2.45 ? 22 A A P      1 
ATOM 673 O OP1    . A A 1 22 ? 6.370   -7.085  -5.909  1.00 2.91 ? 22 A A OP1    1 
ATOM 674 O OP2    . A A 1 22 ? 3.811   -7.030  -5.799  1.00 2.57 ? 22 A A OP2    1 
ATOM 675 O "O5'"  . A A 1 22 ? 5.124   -4.922  -6.113  1.00 2.38 ? 22 A A "O5'"  1 
ATOM 676 C "C5'"  . A A 1 22 ? 6.256   -4.156  -6.534  1.00 2.48 ? 22 A A "C5'"  1 
ATOM 677 C "C4'"  . A A 1 22 ? 5.917   -2.674  -6.669  1.00 2.33 ? 22 A A "C4'"  1 
ATOM 678 O "O4'"  . A A 1 22 ? 4.813   -2.465  -7.559  1.00 2.15 ? 22 A A "O4'"  1 
ATOM 679 C "C3'"  . A A 1 22 ? 5.463   -2.082  -5.345  1.00 2.27 ? 22 A A "C3'"  1 
ATOM 680 O "O3'"  . A A 1 22 ? 6.616   -1.633  -4.623  1.00 2.43 ? 22 A A "O3'"  1 
ATOM 681 C "C2'"  . A A 1 22 ? 4.676   -0.876  -5.812  1.00 2.09 ? 22 A A "C2'"  1 
ATOM 682 O "O2'"  . A A 1 22 ? 5.535   0.205   -6.192  1.00 2.16 ? 22 A A "O2'"  1 
ATOM 683 C "C1'"  . A A 1 22 ? 3.945   -1.452  -7.018  1.00 1.99 ? 22 A A "C1'"  1 
ATOM 684 N N9     . A A 1 22 ? 2.637   -2.013  -6.626  1.00 1.87 ? 22 A A N9     1 
ATOM 685 C C8     . A A 1 22 ? 2.298   -3.284  -6.292  1.00 1.92 ? 22 A A C8     1 
ATOM 686 N N7     . A A 1 22 ? 1.062   -3.515  -6.005  1.00 1.79 ? 22 A A N7     1 
ATOM 687 C C5     . A A 1 22 ? 0.496   -2.246  -6.160  1.00 1.63 ? 22 A A C5     1 
ATOM 688 C C6     . A A 1 22 ? -0.806  -1.767  -6.008  1.00 1.47 ? 22 A A C6     1 
ATOM 689 N N6     . A A 1 22 ? -1.829  -2.543  -5.654  1.00 1.43 ? 22 A A N6     1 
ATOM 690 N N1     . A A 1 22 ? -1.015  -0.458  -6.238  1.00 1.38 ? 22 A A N1     1 
ATOM 691 C C2     . A A 1 22 ? -0.003  0.335   -6.599  1.00 1.44 ? 22 A A C2     1 
ATOM 692 N N3     . A A 1 22 ? 1.265   -0.015  -6.774  1.00 1.58 ? 22 A A N3     1 
ATOM 693 C C4     . A A 1 22 ? 1.448   -1.329  -6.536  1.00 1.67 ? 22 A A C4     1 
ATOM 694 H "H5'"  . A A 1 22 ? 6.600   -4.529  -7.498  1.00 2.53 ? 22 A A "H5'"  1 
ATOM 695 H "H5''" . A A 1 22 ? 7.057   -4.271  -5.802  1.00 2.63 ? 22 A A "H5''" 1 
ATOM 696 H "H4'"  . A A 1 22 ? 6.784   -2.129  -7.037  1.00 2.42 ? 22 A A "H4'"  1 
ATOM 697 H "H3'"  . A A 1 22 ? 4.847   -2.776  -4.771  1.00 2.25 ? 22 A A "H3'"  1 
ATOM 698 H "H2'"  . A A 1 22 ? 3.961   -0.564  -5.046  1.00 2.01 ? 22 A A "H2'"  1 
ATOM 699 H "HO2'" . A A 1 22 ? 4.980   0.977   -6.326  1.00 2.39 ? 22 A A "HO2'" 1 
ATOM 700 H "H1'"  . A A 1 22 ? 3.796   -0.668  -7.760  1.00 1.93 ? 22 A A "H1'"  1 
ATOM 701 H H8     . A A 1 22 ? 3.042   -4.079  -6.259  1.00 2.08 ? 22 A A H8     1 
ATOM 702 H H61    . A A 1 22 ? -2.755  -2.148  -5.558  1.00 1.35 ? 22 A A H61    1 
ATOM 703 H H62    . A A 1 22 ? -1.681  -3.528  -5.483  1.00 1.52 ? 22 A A H62    1 
ATOM 704 H H2     . A A 1 22 ? -0.242  1.386   -6.763  1.00 1.38 ? 22 A A H2     1 
ATOM 705 P P      . C A 1 23 ? 6.491   -1.177  -3.083  1.00 2.47 ? 23 C A P      1 
ATOM 706 O OP1    . C A 1 23 ? 7.850   -0.878  -2.577  1.00 2.79 ? 23 C A OP1    1 
ATOM 707 O OP2    . C A 1 23 ? 5.640   -2.159  -2.374  1.00 2.94 ? 23 C A OP2    1 
ATOM 708 O "O5'"  . C A 1 23 ? 5.676   0.209   -3.191  1.00 2.27 ? 23 C A "O5'"  1 
ATOM 709 C "C5'"  . C A 1 23 ? 6.261   1.348   -3.828  1.00 2.24 ? 23 C A "C5'"  1 
ATOM 710 C "C4'"  . C A 1 23 ? 5.267   2.501   -3.947  1.00 2.03 ? 23 C A "C4'"  1 
ATOM 711 O "O4'"  . C A 1 23 ? 4.096   2.122   -4.669  1.00 1.90 ? 23 C A "O4'"  1 
ATOM 712 C "C3'"  . C A 1 23 ? 4.750   2.926   -2.590  1.00 2.01 ? 23 C A "C3'"  1 
ATOM 713 O "O3'"  . C A 1 23 ? 5.684   3.854   -2.026  1.00 2.11 ? 23 C A "O3'"  1 
ATOM 714 C "C2'"  . C A 1 23 ? 3.473   3.664   -2.957  1.00 1.83 ? 23 C A "C2'"  1 
ATOM 715 O "O2'"  . C A 1 23 ? 3.735   5.029   -3.307  1.00 1.81 ? 23 C A "O2'"  1 
ATOM 716 C "C1'"  . C A 1 23 ? 2.968   2.865   -4.167  1.00 1.75 ? 23 C A "C1'"  1 
ATOM 717 N N1     . C A 1 23 ? 1.855   1.965   -3.789  1.00 1.69 ? 23 C A N1     1 
ATOM 718 C C2     . C A 1 23 ? 0.560   2.445   -3.946  1.00 1.56 ? 23 C A C2     1 
ATOM 719 O O2     . C A 1 23 ? 0.368   3.583   -4.372  1.00 1.53 ? 23 C A O2     1 
ATOM 720 N N3     . C A 1 23 ? -0.475  1.627   -3.615  1.00 1.51 ? 23 C A N3     1 
ATOM 721 C C4     . C A 1 23 ? -0.255  0.391   -3.151  1.00 1.60 ? 23 C A C4     1 
ATOM 722 N N4     . C A 1 23 ? -1.295  -0.384  -2.842  1.00 1.57 ? 23 C A N4     1 
ATOM 723 C C5     . C A 1 23 ? 1.075   -0.108  -2.986  1.00 1.76 ? 23 C A C5     1 
ATOM 724 C C6     . C A 1 23 ? 2.095   0.707   -3.316  1.00 1.80 ? 23 C A C6     1 
ATOM 725 H "H5'"  . C A 1 23 ? 6.597   1.065   -4.825  1.00 2.27 ? 23 C A "H5'"  1 
ATOM 726 H "H5''" . C A 1 23 ? 7.120   1.680   -3.244  1.00 2.37 ? 23 C A "H5''" 1 
ATOM 727 H "H4'"  . C A 1 23 ? 5.740   3.347   -4.443  1.00 2.03 ? 23 C A "H4'"  1 
ATOM 728 H "H3'"  . C A 1 23 ? 4.557   2.074   -1.936  1.00 2.08 ? 23 C A "H3'"  1 
ATOM 729 H "H2'"  . C A 1 23 ? 2.751   3.602   -2.139  1.00 1.81 ? 23 C A "H2'"  1 
ATOM 730 H "HO2'" . C A 1 23 ? 2.887   5.455   -3.449  1.00 2.06 ? 23 C A "HO2'" 1 
ATOM 731 H "H1'"  . C A 1 23 ? 2.625   3.558   -4.937  1.00 1.67 ? 23 C A "H1'"  1 
ATOM 732 H H41    . C A 1 23 ? -2.236  -0.034  -2.955  1.00 1.49 ? 23 C A H41    1 
ATOM 733 H H42    . C A 1 23 ? -1.141  -1.320  -2.494  1.00 1.66 ? 23 C A H42    1 
ATOM 734 H H5     . C A 1 23 ? 1.256   -1.112  -2.606  1.00 1.88 ? 23 C A H5     1 
ATOM 735 H H6     . C A 1 23 ? 3.122   0.359   -3.203  1.00 1.94 ? 23 C A H6     1 
ATOM 736 P P      . G A 1 24 ? 5.640   4.223   -0.460  1.00 2.17 ? 24 G A P      1 
ATOM 737 O OP1    . G A 1 24 ? 6.967   4.750   -0.071  1.00 2.57 ? 24 G A OP1    1 
ATOM 738 O OP2    . G A 1 24 ? 5.058   3.077   0.274   1.00 2.62 ? 24 G A OP2    1 
ATOM 739 O "O5'"  . G A 1 24 ? 4.583   5.436   -0.418  1.00 2.06 ? 24 G A "O5'"  1 
ATOM 740 C "C5'"  . G A 1 24 ? 4.925   6.718   -0.952  1.00 2.08 ? 24 G A "C5'"  1 
ATOM 741 C "C4'"  . G A 1 24 ? 4.012   7.809   -0.402  1.00 2.02 ? 24 G A "C4'"  1 
ATOM 742 O "O4'"  . G A 1 24 ? 2.638   7.580   -0.763  1.00 1.98 ? 24 G A "O4'"  1 
ATOM 743 C "C3'"  . G A 1 24 ? 4.033   7.821   1.122   1.00 1.96 ? 24 G A "C3'"  1 
ATOM 744 O "O3'"  . G A 1 24 ? 5.030   8.746   1.564   1.00 2.01 ? 24 G A "O3'"  1 
ATOM 745 C "C2'"  . G A 1 24 ? 2.663   8.379   1.442   1.00 1.89 ? 24 G A "C2'"  1 
ATOM 746 O "O2'"  . G A 1 24 ? 2.606   9.797   1.248   1.00 1.94 ? 24 G A "O2'"  1 
ATOM 747 C "C1'"  . G A 1 24 ? 1.822   7.638   0.418   1.00 1.88 ? 24 G A "C1'"  1 
ATOM 748 N N9     . G A 1 24 ? 1.475   6.287   0.896   1.00 1.82 ? 24 G A N9     1 
ATOM 749 C C8     . G A 1 24 ? 1.944   5.078   0.503   1.00 1.86 ? 24 G A C8     1 
ATOM 750 N N7     . G A 1 24 ? 1.473   4.033   1.096   1.00 1.81 ? 24 G A N7     1 
ATOM 751 C C5     . G A 1 24 ? 0.575   4.603   2.002   1.00 1.73 ? 24 G A C5     1 
ATOM 752 C C6     . G A 1 24 ? -0.272  3.982   2.956   1.00 1.66 ? 24 G A C6     1 
ATOM 753 O O6     . G A 1 24 ? -0.396  2.785   3.199   1.00 1.67 ? 24 G A O6     1 
ATOM 754 N N1     . G A 1 24 ? -1.014  4.919   3.662   1.00 1.60 ? 24 G A N1     1 
ATOM 755 C C2     . G A 1 24 ? -0.955  6.285   3.478   1.00 1.62 ? 24 G A C2     1 
ATOM 756 N N2     . G A 1 24 ? -1.751  7.022   4.253   1.00 1.58 ? 24 G A N2     1 
ATOM 757 N N3     . G A 1 24 ? -0.162  6.877   2.584   1.00 1.69 ? 24 G A N3     1 
ATOM 758 C C4     . G A 1 24 ? 0.571   5.983   1.884   1.00 1.73 ? 24 G A C4     1 
ATOM 759 H "H5'"  . G A 1 24 ? 4.833   6.690   -2.037  1.00 2.13 ? 24 G A "H5'"  1 
ATOM 760 H "H5''" . G A 1 24 ? 5.957   6.951   -0.688  1.00 2.13 ? 24 G A "H5''" 1 
ATOM 761 H "H4'"  . G A 1 24 ? 4.328   8.780   -0.782  1.00 2.06 ? 24 G A "H4'"  1 
ATOM 762 H "H3'"  . G A 1 24 ? 4.172   6.822   1.537   1.00 1.94 ? 24 G A "H3'"  1 
ATOM 763 H "H2'"  . G A 1 24 ? 2.359   8.104   2.454   1.00 1.84 ? 24 G A "H2'"  1 
ATOM 764 H "HO2'" . G A 1 24 ? 1.751   10.095  1.567   1.00 2.05 ? 24 G A "HO2'" 1 
ATOM 765 H "H1'"  . G A 1 24 ? 0.910   8.197   0.214   1.00 1.87 ? 24 G A "H1'"  1 
ATOM 766 H H8     . G A 1 24 ? 2.691   4.991   -0.285  1.00 1.93 ? 24 G A H8     1 
ATOM 767 H H1     . G A 1 24 ? -1.641  4.549   4.356   1.00 1.57 ? 24 G A H1     1 
ATOM 768 H H21    . G A 1 24 ? -2.352  6.575   4.930   1.00 1.54 ? 24 G A H21    1 
ATOM 769 H H22    . G A 1 24 ? -1.751  8.028   4.162   1.00 1.61 ? 24 G A H22    1 
ATOM 770 P P      . A A 1 25 ? 5.744   8.552   2.995   1.00 1.94 ? 25 A A P      1 
ATOM 771 O OP1    . A A 1 25 ? 6.875   9.504   3.082   1.00 2.20 ? 25 A A OP1    1 
ATOM 772 O OP2    . A A 1 25 ? 5.980   7.106   3.205   1.00 2.48 ? 25 A A OP2    1 
ATOM 773 O "O5'"  . A A 1 25 ? 4.601   9.030   4.023   1.00 1.85 ? 25 A A "O5'"  1 
ATOM 774 C "C5'"  . A A 1 25 ? 4.154   10.389  4.029   1.00 1.93 ? 25 A A "C5'"  1 
ATOM 775 C "C4'"  . A A 1 25 ? 2.824   10.543  4.761   1.00 1.83 ? 25 A A "C4'"  1 
ATOM 776 O "O4'"  . A A 1 25 ? 1.809   9.701   4.196   1.00 1.78 ? 25 A A "O4'"  1 
ATOM 777 C "C3'"  . A A 1 25 ? 2.934   10.106  6.214   1.00 1.69 ? 25 A A "C3'"  1 
ATOM 778 O "O3'"  . A A 1 25 ? 3.331   11.229  7.004   1.00 1.75 ? 25 A A "O3'"  1 
ATOM 779 C "C2'"  . A A 1 25 ? 1.495   9.762   6.532   1.00 1.61 ? 25 A A "C2'"  1 
ATOM 780 O "O2'"  . A A 1 25 ? 0.702   10.937  6.751   1.00 1.67 ? 25 A A "O2'"  1 
ATOM 781 C "C1'"  . A A 1 25 ? 1.089   9.042   5.255   1.00 1.65 ? 25 A A "C1'"  1 
ATOM 782 N N9     . A A 1 25 ? 1.434   7.608   5.327   1.00 1.60 ? 25 A A N9     1 
ATOM 783 C C8     . A A 1 25 ? 2.436   6.924   4.721   1.00 1.65 ? 25 A A C8     1 
ATOM 784 N N7     . A A 1 25 ? 2.518   5.657   4.954   1.00 1.62 ? 25 A A N7     1 
ATOM 785 C C5     . A A 1 25 ? 1.442   5.461   5.824   1.00 1.54 ? 25 A A C5     1 
ATOM 786 C C6     . A A 1 25 ? 0.944   4.327   6.470   1.00 1.51 ? 25 A A C6     1 
ATOM 787 N N6     . A A 1 25 ? 1.487   3.118   6.337   1.00 1.56 ? 25 A A N6     1 
ATOM 788 N N1     . A A 1 25 ? -0.133  4.485   7.259   1.00 1.47 ? 25 A A N1     1 
ATOM 789 C C2     . A A 1 25 ? -0.690  5.690   7.405   1.00 1.45 ? 25 A A C2     1 
ATOM 790 N N3     . A A 1 25 ? -0.302  6.828   6.840   1.00 1.48 ? 25 A A N3     1 
ATOM 791 C C4     . A A 1 25 ? 0.779   6.642   6.056   1.00 1.53 ? 25 A A C4     1 
ATOM 792 H "H5'"  . A A 1 25 ? 4.033   10.728  3.000   1.00 2.04 ? 25 A A "H5'"  1 
ATOM 793 H "H5''" . A A 1 25 ? 4.904   11.007  4.521   1.00 2.00 ? 25 A A "H5''" 1 
ATOM 794 H "H4'"  . A A 1 25 ? 2.497   11.580  4.715   1.00 1.92 ? 25 A A "H4'"  1 
ATOM 795 H "H3'"  . A A 1 25 ? 3.593   9.246   6.341   1.00 1.65 ? 25 A A "H3'"  1 
ATOM 796 H "H2'"  . A A 1 25 ? 1.442   9.082   7.386   1.00 1.52 ? 25 A A "H2'"  1 
ATOM 797 H "HO2'" . A A 1 25 ? -0.159  10.646  7.060   1.00 1.88 ? 25 A A "HO2'" 1 
ATOM 798 H "H1'"  . A A 1 25 ? 0.016   9.155   5.094   1.00 1.67 ? 25 A A "H1'"  1 
ATOM 799 H H8     . A A 1 25 ? 3.148   7.425   4.067   1.00 1.73 ? 25 A A H8     1 
ATOM 800 H H61    . A A 1 25 ? 1.088   2.328   6.826   1.00 1.57 ? 25 A A H61    1 
ATOM 801 H H62    . A A 1 25 ? 2.297   2.990   5.748   1.00 1.61 ? 25 A A H62    1 
ATOM 802 H H2     . A A 1 25 ? -1.559  5.747   8.061   1.00 1.43 ? 25 A A H2     1 
ATOM 803 P P      . C A 1 26 ? 3.841   11.020  8.517   1.00 1.69 ? 26 C A P      1 
ATOM 804 O OP1    . C A 1 26 ? 4.274   12.333  9.047   1.00 2.03 ? 26 C A OP1    1 
ATOM 805 O OP2    . C A 1 26 ? 4.774   9.871   8.538   1.00 2.14 ? 26 C A OP2    1 
ATOM 806 O "O5'"  . C A 1 26 ? 2.494   10.586  9.280   1.00 1.54 ? 26 C A "O5'"  1 
ATOM 807 C "C5'"  . C A 1 26 ? 1.446   11.534  9.501   1.00 1.63 ? 26 C A "C5'"  1 
ATOM 808 C "C4'"  . C A 1 26 ? 0.274   10.910  10.251  1.00 1.55 ? 26 C A "C4'"  1 
ATOM 809 O "O4'"  . C A 1 26 ? -0.347  9.858   9.499   1.00 1.53 ? 26 C A "O4'"  1 
ATOM 810 C "C3'"  . C A 1 26 ? 0.738   10.244  11.533  1.00 1.40 ? 26 C A "C3'"  1 
ATOM 811 O "O3'"  . C A 1 26 ? 0.769   11.223  12.576  1.00 1.48 ? 26 C A "O3'"  1 
ATOM 812 C "C2'"  . C A 1 26 ? -0.401  9.281   11.791  1.00 1.37 ? 26 C A "C2'"  1 
ATOM 813 O "O2'"  . C A 1 26 ? -1.549  9.946   12.331  1.00 1.50 ? 26 C A "O2'"  1 
ATOM 814 C "C1'"  . C A 1 26 ? -0.658  8.761   10.382  1.00 1.39 ? 26 C A "C1'"  1 
ATOM 815 N N1     . C A 1 26 ? 0.193   7.586   10.105  1.00 1.30 ? 26 C A N1     1 
ATOM 816 C C2     . C A 1 26 ? -0.323  6.331   10.398  1.00 1.25 ? 26 C A C2     1 
ATOM 817 O O2     . C A 1 26 ? -1.465  6.219   10.845  1.00 1.28 ? 26 C A O2     1 
ATOM 818 N N3     . C A 1 26 ? 0.463   5.243   10.177  1.00 1.23 ? 26 C A N3     1 
ATOM 819 C C4     . C A 1 26 ? 1.702   5.380   9.691   1.00 1.26 ? 26 C A C4     1 
ATOM 820 N N4     . C A 1 26 ? 2.445   4.293   9.484   1.00 1.32 ? 26 C A N4     1 
ATOM 821 C C5     . C A 1 26 ? 2.235   6.673   9.389   1.00 1.29 ? 26 C A C5     1 
ATOM 822 C C6     . C A 1 26 ? 1.453   7.739   9.606   1.00 1.31 ? 26 C A C6     1 
ATOM 823 H "H5'"  . C A 1 26 ? 1.094   11.909  8.539   1.00 1.76 ? 26 C A "H5'"  1 
ATOM 824 H "H5''" . C A 1 26 ? 1.838   12.366  10.085  1.00 1.67 ? 26 C A "H5''" 1 
ATOM 825 H "H4'"  . C A 1 26 ? -0.466  11.675  10.481  1.00 1.66 ? 26 C A "H4'"  1 
ATOM 826 H "H3'"  . C A 1 26 ? 1.692   9.724   11.405  1.00 1.33 ? 26 C A "H3'"  1 
ATOM 827 H "H2'"  . C A 1 26 ? -0.071  8.465   12.441  1.00 1.29 ? 26 C A "H2'"  1 
ATOM 828 H "HO2'" . C A 1 26 ? -1.265  10.412  13.120  1.00 1.79 ? 26 C A "HO2'" 1 
ATOM 829 H "H1'"  . C A 1 26 ? -1.708  8.488   10.275  1.00 1.45 ? 26 C A "H1'"  1 
ATOM 830 H H41    . C A 1 26 ? 2.073   3.380   9.698   1.00 1.34 ? 26 C A H41    1 
ATOM 831 H H42    . C A 1 26 ? 3.382   4.384   9.115   1.00 1.37 ? 26 C A H42    1 
ATOM 832 H H5     . C A 1 26 ? 3.249   6.793   9.016   1.00 1.34 ? 26 C A H5     1 
ATOM 833 H H6     . C A 1 26 ? 1.828   8.737   9.376   1.00 1.38 ? 26 C A H6     1 
ATOM 834 P P      . C A 1 27 ? 2.061   11.368  13.528  1.00 1.33 ? 27 C A P      1 
ATOM 835 O OP1    . C A 1 27 ? 1.895   12.586  14.352  1.00 1.73 ? 27 C A OP1    1 
ATOM 836 O OP2    . C A 1 27 ? 3.274   11.199  12.696  1.00 1.78 ? 27 C A OP2    1 
ATOM 837 O "O5'"  . C A 1 27 ? 1.930   10.084  14.493  1.00 1.28 ? 27 C A "O5'"  1 
ATOM 838 C "C5'"  . C A 1 27 ? 0.773   9.913   15.318  1.00 1.46 ? 27 C A "C5'"  1 
ATOM 839 C "C4'"  . C A 1 27 ? 0.373   8.444   15.435  1.00 1.39 ? 27 C A "C4'"  1 
ATOM 840 O "O4'"  . C A 1 27 ? 0.254   7.825   14.149  1.00 1.28 ? 27 C A "O4'"  1 
ATOM 841 C "C3'"  . C A 1 27 ? 1.435   7.625   16.145  1.00 1.34 ? 27 C A "C3'"  1 
ATOM 842 O "O3'"  . C A 1 27 ? 1.234   7.719   17.560  1.00 1.61 ? 27 C A "O3'"  1 
ATOM 843 C "C2'"  . C A 1 27 ? 1.075   6.227   15.695  1.00 1.29 ? 27 C A "C2'"  1 
ATOM 844 O "O2'"  . C A 1 27 ? -0.041  5.705   16.427  1.00 1.52 ? 27 C A "O2'"  1 
ATOM 845 C "C1'"  . C A 1 27 ? 0.722   6.463   14.231  1.00 1.19 ? 27 C A "C1'"  1 
ATOM 846 N N1     . C A 1 27 ? 1.904   6.228   13.369  1.00 1.03 ? 27 C A N1     1 
ATOM 847 C C2     . C A 1 27 ? 2.259   4.907   13.127  1.00 1.07 ? 27 C A C2     1 
ATOM 848 O O2     . C A 1 27 ? 1.598   3.991   13.613  1.00 1.19 ? 27 C A O2     1 
ATOM 849 N N3     . C A 1 27 ? 3.349   4.661   12.355  1.00 1.09 ? 27 C A N3     1 
ATOM 850 C C4     . C A 1 27 ? 4.068   5.665   11.838  1.00 1.04 ? 27 C A C4     1 
ATOM 851 N N4     . C A 1 27 ? 5.125   5.381   11.078  1.00 1.18 ? 27 C A N4     1 
ATOM 852 C C5     . C A 1 27 ? 3.710   7.029   12.082  1.00 0.97 ? 27 C A C5     1 
ATOM 853 C C6     . C A 1 27 ? 2.626   7.265   12.849  1.00 0.99 ? 27 C A C6     1 
ATOM 854 H "H5'"  . C A 1 27 ? -0.057  10.471  14.887  1.00 1.59 ? 27 C A "H5'"  1 
ATOM 855 H "H5''" . C A 1 27 ? 0.986   10.304  16.313  1.00 1.59 ? 27 C A "H5''" 1 
ATOM 856 H "H4'"  . C A 1 27 ? -0.573  8.360   15.965  1.00 1.56 ? 27 C A "H4'"  1 
ATOM 857 H "H3'"  . C A 1 27 ? 2.446   7.906   15.842  1.00 1.23 ? 27 C A "H3'"  1 
ATOM 858 H "H2'"  . C A 1 27 ? 1.942   5.567   15.773  1.00 1.25 ? 27 C A "H2'"  1 
ATOM 859 H "HO2'" . C A 1 27 ? -0.168  4.797   16.145  1.00 1.97 ? 27 C A "HO2'" 1 
ATOM 860 H "H1'"  . C A 1 27 ? -0.081  5.786   13.938  1.00 1.29 ? 27 C A "H1'"  1 
ATOM 861 H H41    . C A 1 27 ? 5.379   4.418   10.907  1.00 1.32 ? 27 C A H41    1 
ATOM 862 H H42    . C A 1 27 ? 5.673   6.128   10.675  1.00 1.21 ? 27 C A H42    1 
ATOM 863 H H5     . C A 1 27 ? 4.297   7.848   11.665  1.00 1.01 ? 27 C A H5     1 
ATOM 864 H H6     . C A 1 27 ? 2.325   8.291   13.057  1.00 1.07 ? 27 C A H6     1 
ATOM 865 P P      . G A 1 28 ? 2.280   7.036   18.579  1.00 1.78 ? 28 G A P      1 
ATOM 866 O OP1    . G A 1 28 ? 1.970   7.511   19.946  1.00 2.39 ? 28 G A OP1    1 
ATOM 867 O OP2    . G A 1 28 ? 3.644   7.212   18.031  1.00 2.08 ? 28 G A OP2    1 
ATOM 868 O "O5'"  . G A 1 28 ? 1.900   5.471   18.488  1.00 1.83 ? 28 G A "O5'"  1 
ATOM 869 C "C5'"  . G A 1 28 ? 0.860   4.922   19.305  1.00 2.16 ? 28 G A "C5'"  1 
ATOM 870 C "C4'"  . G A 1 28 ? 1.071   3.431   19.562  1.00 2.27 ? 28 G A "C4'"  1 
ATOM 871 O "O4'"  . G A 1 28 ? 1.005   2.666   18.348  1.00 2.05 ? 28 G A "O4'"  1 
ATOM 872 C "C3'"  . G A 1 28 ? 2.456   3.161   20.129  1.00 2.34 ? 28 G A "C3'"  1 
ATOM 873 O "O3'"  . G A 1 28 ? 2.388   3.216   21.558  1.00 2.78 ? 28 G A "O3'"  1 
ATOM 874 C "C2'"  . G A 1 28 ? 2.690   1.727   19.704  1.00 2.35 ? 28 G A "C2'"  1 
ATOM 875 O "O2'"  . G A 1 28 ? 1.987   0.802   20.543  1.00 2.74 ? 28 G A "O2'"  1 
ATOM 876 C "C1'"  . G A 1 28 ? 2.116   1.752   18.295  1.00 2.03 ? 28 G A "C1'"  1 
ATOM 877 N N9     . G A 1 28 ? 3.125   2.202   17.316  1.00 1.72 ? 28 G A N9     1 
ATOM 878 C C8     . G A 1 28 ? 3.265   3.410   16.720  1.00 1.53 ? 28 G A C8     1 
ATOM 879 N N7     . G A 1 28 ? 4.232   3.557   15.879  1.00 1.42 ? 28 G A N7     1 
ATOM 880 C C5     . G A 1 28 ? 4.826   2.293   15.907  1.00 1.54 ? 28 G A C5     1 
ATOM 881 C C6     . G A 1 28 ? 5.951   1.805   15.195  1.00 1.66 ? 28 G A C6     1 
ATOM 882 O O6     . G A 1 28 ? 6.654   2.400   14.383  1.00 1.74 ? 28 G A O6     1 
ATOM 883 N N1     . G A 1 28 ? 6.220   0.481   15.512  1.00 1.84 ? 28 G A N1     1 
ATOM 884 C C2     . G A 1 28 ? 5.498   -0.286  16.405  1.00 1.91 ? 28 G A C2     1 
ATOM 885 N N2     . G A 1 28 ? 5.919   -1.538  16.584  1.00 2.13 ? 28 G A N2     1 
ATOM 886 N N3     . G A 1 28 ? 4.436   0.165   17.079  1.00 1.88 ? 28 G A N3     1 
ATOM 887 C C4     . G A 1 28 ? 4.155   1.456   16.785  1.00 1.69 ? 28 G A C4     1 
ATOM 888 H "H5'"  . G A 1 28 ? -0.098  5.065   18.804  1.00 2.18 ? 28 G A "H5'"  1 
ATOM 889 H "H5''" . G A 1 28 ? 0.843   5.448   20.259  1.00 2.39 ? 28 G A "H5''" 1 
ATOM 890 H "H4'"  . G A 1 28 ? 0.314   3.070   20.257  1.00 2.57 ? 28 G A "H4'"  1 
ATOM 891 H "H3'"  . G A 1 28 ? 3.208   3.837   19.718  1.00 2.15 ? 28 G A "H3'"  1 
ATOM 892 H "H2'"  . G A 1 28 ? 3.759   1.502   19.675  1.00 2.35 ? 28 G A "H2'"  1 
ATOM 893 H "HO2'" . G A 1 28 ? 1.052   1.003   20.469  1.00 2.91 ? 28 G A "HO2'" 1 
ATOM 894 H "H1'"  . G A 1 28 ? 1.761   0.758   18.026  1.00 2.12 ? 28 G A "H1'"  1 
ATOM 895 H H8     . G A 1 28 ? 2.588   4.231   16.951  1.00 1.56 ? 28 G A H8     1 
ATOM 896 H H1     . G A 1 28 ? 7.010   0.065   15.038  1.00 1.98 ? 28 G A H1     1 
ATOM 897 H H21    . G A 1 28 ? 6.722   -1.880  16.075  1.00 2.22 ? 28 G A H21    1 
ATOM 898 H H22    . G A 1 28 ? 5.434   -2.146  17.228  1.00 2.26 ? 28 G A H22    1 
ATOM 899 P P      . C A 1 29 ? 3.677   3.653   22.419  1.00 3.04 ? 29 C A P      1 
ATOM 900 O OP1    . C A 1 29 ? 3.300   3.653   23.850  1.00 3.36 ? 29 C A OP1    1 
ATOM 901 O OP2    . C A 1 29 ? 4.252   4.871   21.807  1.00 3.43 ? 29 C A OP2    1 
ATOM 902 O "O5'"  . C A 1 29 ? 4.695   2.432   22.164  1.00 3.09 ? 29 C A "O5'"  1 
ATOM 903 C "C5'"  . C A 1 29 ? 4.452   1.146   22.739  1.00 3.45 ? 29 C A "C5'"  1 
ATOM 904 C "C4'"  . C A 1 29 ? 5.396   0.088   22.173  1.00 3.48 ? 29 C A "C4'"  1 
ATOM 905 O "O4'"  . C A 1 29 ? 5.243   -0.051  20.754  1.00 3.11 ? 29 C A "O4'"  1 
ATOM 906 C "C3'"  . C A 1 29 ? 6.849   0.481   22.377  1.00 3.58 ? 29 C A "C3'"  1 
ATOM 907 O "O3'"  . C A 1 29 ? 7.286   -0.015  23.646  1.00 4.09 ? 29 C A "O3'"  1 
ATOM 908 C "C2'"  . C A 1 29 ? 7.536   -0.307  21.281  1.00 3.48 ? 29 C A "C2'"  1 
ATOM 909 O "O2'"  . C A 1 29 ? 7.703   -1.683  21.645  1.00 3.86 ? 29 C A "O2'"  1 
ATOM 910 C "C1'"  . C A 1 29 ? 6.541   -0.151  20.137  1.00 3.05 ? 29 C A "C1'"  1 
ATOM 911 N N1     . C A 1 29 ? 6.844   1.047   19.320  1.00 2.68 ? 29 C A N1     1 
ATOM 912 C C2     . C A 1 29 ? 7.785   0.914   18.308  1.00 2.59 ? 29 C A C2     1 
ATOM 913 O O2     . C A 1 29 ? 8.361   -0.159  18.132  1.00 2.79 ? 29 C A O2     1 
ATOM 914 N N3     . C A 1 29 ? 8.055   1.998   17.531  1.00 2.37 ? 29 C A N3     1 
ATOM 915 C C4     . C A 1 29 ? 7.430   3.165   17.736  1.00 2.22 ? 29 C A C4     1 
ATOM 916 N N4     . C A 1 29 ? 7.707   4.201   16.946  1.00 2.13 ? 29 C A N4     1 
ATOM 917 C C5     . C A 1 29 ? 6.464   3.309   18.780  1.00 2.30 ? 29 C A C5     1 
ATOM 918 C C6     . C A 1 29 ? 6.203   2.233   19.543  1.00 2.55 ? 29 C A C6     1 
ATOM 919 H "H5'"  . C A 1 29 ? 3.422   0.851   22.531  1.00 3.43 ? 29 C A "H5'"  1 
ATOM 920 H "H5''" . C A 1 29 ? 4.593   1.206   23.818  1.00 3.78 ? 29 C A "H5''" 1 
ATOM 921 H "H4'"  . C A 1 29 ? 5.204   -0.870  22.653  1.00 3.79 ? 29 C A "H4'"  1 
ATOM 922 H "H3'"  . C A 1 29 ? 7.005   1.555   22.266  1.00 3.42 ? 29 C A "H3'"  1 
ATOM 923 H "H2'"  . C A 1 29 ? 8.492   0.151   21.019  1.00 3.47 ? 29 C A "H2'"  1 
ATOM 924 H "HO2'" . C A 1 29 ? 8.029   -1.701  22.548  1.00 3.89 ? 29 C A "HO2'" 1 
ATOM 925 H "H1'"  . C A 1 29 ? 6.574   -1.040  19.505  1.00 3.09 ? 29 C A "H1'"  1 
ATOM 926 H H41    . C A 1 29 ? 8.390   4.104   16.208  1.00 2.20 ? 29 C A H41    1 
ATOM 927 H H42    . C A 1 29 ? 7.237   5.083   17.087  1.00 2.09 ? 29 C A H42    1 
ATOM 928 H H5     . C A 1 29 ? 5.955   4.259   18.950  1.00 2.26 ? 29 C A H5     1 
ATOM 929 H H6     . C A 1 29 ? 5.477   2.309   20.352  1.00 2.72 ? 29 C A H6     1 
ATOM 930 P P      . C A 1 30 ? 8.471   0.723   24.450  1.00 4.41 ? 30 C A P      1 
ATOM 931 O OP1    . C A 1 30 ? 8.647   0.036   25.748  1.00 4.72 ? 30 C A OP1    1 
ATOM 932 O OP2    . C A 1 30 ? 8.218   2.180   24.415  1.00 4.75 ? 30 C A OP2    1 
ATOM 933 O "O5'"  . C A 1 30 ? 9.761   0.414   23.536  1.00 4.46 ? 30 C A "O5'"  1 
ATOM 934 C "C5'"  . C A 1 30 ? 10.354  -0.889  23.528  1.00 4.75 ? 30 C A "C5'"  1 
ATOM 935 C "C4'"  . C A 1 30 ? 11.363  -1.041  22.393  1.00 4.67 ? 30 C A "C4'"  1 
ATOM 936 O "O4'"  . C A 1 30 ? 10.769  -0.786  21.119  1.00 4.20 ? 30 C A "O4'"  1 
ATOM 937 C "C3'"  . C A 1 30 ? 12.482  -0.023  22.506  1.00 4.79 ? 30 C A "C3'"  1 
ATOM 938 O "O3'"  . C A 1 30 ? 13.472  -0.419  23.461  1.00 5.31 ? 30 C A "O3'"  1 
ATOM 939 C "C2'"  . C A 1 30 ? 13.021  -0.041  21.091  1.00 4.59 ? 30 C A "C2'"  1 
ATOM 940 O "O2'"  . C A 1 30 ? 13.869  -1.173  20.865  1.00 4.89 ? 30 C A "O2'"  1 
ATOM 941 C "C1'"  . C A 1 30 ? 11.735  -0.138  20.271  1.00 4.11 ? 30 C A "C1'"  1 
ATOM 942 N N1     . C A 1 30 ? 11.270  1.203   19.845  1.00 3.77 ? 30 C A N1     1 
ATOM 943 C C2     . C A 1 30 ? 11.797  1.716   18.667  1.00 3.57 ? 30 C A C2     1 
ATOM 944 O O2     . C A 1 30 ? 12.625  1.073   18.026  1.00 3.70 ? 30 C A O2     1 
ATOM 945 N N3     . C A 1 30 ? 11.380  2.943   18.254  1.00 3.34 ? 30 C A N3     1 
ATOM 946 C C4     . C A 1 30 ? 10.484  3.641   18.962  1.00 3.27 ? 30 C A C4     1 
ATOM 947 N N4     . C A 1 30 ? 10.100  4.840   18.525  1.00 3.11 ? 30 C A N4     1 
ATOM 948 C C5     . C A 1 30 ? 9.938   3.119   20.177  1.00 3.46 ? 30 C A C5     1 
ATOM 949 C C6     . C A 1 30 ? 10.356  1.903   20.579  1.00 3.72 ? 30 C A C6     1 
ATOM 950 H "H5'"  . C A 1 30 ? 9.569   -1.636  23.409  1.00 4.73 ? 30 C A "H5'"  1 
ATOM 951 H "H5''" . C A 1 30 ? 10.861  -1.054  24.479  1.00 5.12 ? 30 C A "H5''" 1 
ATOM 952 H "H4'"  . C A 1 30 ? 11.778  -2.046  22.403  1.00 4.92 ? 30 C A "H4'"  1 
ATOM 953 H "H3'"  . C A 1 30 ? 12.074  0.965   22.741  1.00 4.66 ? 30 C A "H3'"  1 
ATOM 954 H "HO3'" . C A 1 30 ? 13.881  -1.224  23.133  1.00 5.39 ? 30 C A "HO3'" 1 
ATOM 955 H "H2'"  . C A 1 30 ? 13.544  0.894   20.870  1.00 4.58 ? 30 C A "H2'"  1 
ATOM 956 H "HO2'" . C A 1 30 ? 14.156  -1.136  19.950  1.00 5.01 ? 30 C A "HO2'" 1 
ATOM 957 H "H1'"  . C A 1 30 ? 11.914  -0.756  19.391  1.00 4.05 ? 30 C A "H1'"  1 
ATOM 958 H H41    . C A 1 30 ? 10.488  5.214   17.671  1.00 3.07 ? 30 C A H41    1 
ATOM 959 H H42    . C A 1 30 ? 9.424   5.377   19.050  1.00 3.11 ? 30 C A H42    1 
ATOM 960 H H5     . C A 1 30 ? 9.208   3.685   20.756  1.00 3.48 ? 30 C A H5     1 
ATOM 961 H H6     . C A 1 30 ? 9.965   1.477   21.503  1.00 3.95 ? 30 C A H6     1 
# 
